data_5J4N
#
_entry.id   5J4N
#
_cell.length_a   104.765
_cell.length_b   175.635
_cell.length_c   72.868
_cell.angle_alpha   90.00
_cell.angle_beta   90.00
_cell.angle_gamma   90.00
#
_symmetry.space_group_name_H-M   'P 21 21 2'
#
loop_
_entity.id
_entity.type
_entity.pdbx_description
1 polymer 'Arginine/agmatine antiporter'
2 non-polymer AGMATINE
3 water water
#
_entity_poly.entity_id   1
_entity_poly.type   'polypeptide(L)'
_entity_poly.pdbx_seq_one_letter_code
;MSSDADAHKVGLIPVTLMVSGNIMGSGVFLLPANLASTGGIAIYGWLVTIIGALGLSMVYAKMSFLDPSPGGSYAYARRC
FGPFLGYQTNVLYWLACWIGNIAMVVIGVGYLSYFFPILKDPLVLTITCVVVLWIFVLLNIVGPKMITRVQAVATVLALI
PIVGIAVFGWFWFRGETYMAAWNVSGLGTFGAIQSTLNVTLWSFIGVESASVAAGVVKNPKRNVPIATIGGVLIAAVCYV
LSTTAIMGMIPNAALRVSASPFGDAARMALGDTAGAIVSFCAAAGCLGSLGGWTLLAGQTAKAAADDGLFPPIFARVNKA
GTPVAGLIIVGILMTIFQLSSISPNATKEFGLVSSVSVIFTLVPYLYTCAALLLLGHGHFGKARPAYLAVTTIAFLYCIW
AVVGSGAKEVMWSFVTLMVITAMYALNYNRLHKNPYPLDAPISKDLELEVLFQ
;
_entity_poly.pdbx_strand_id   A,B
#
loop_
_chem_comp.id
_chem_comp.type
_chem_comp.name
_chem_comp.formula
AG2 non-polymer AGMATINE 'C5 H14 N4'
#
# COMPACT_ATOMS: atom_id res chain seq x y z
N ALA A 5 9.35 38.62 12.37
CA ALA A 5 8.75 37.32 12.09
C ALA A 5 7.33 37.48 11.57
N ASP A 6 6.53 38.25 12.31
CA ASP A 6 5.12 38.44 11.96
C ASP A 6 4.96 39.28 10.70
N ALA A 7 6.03 39.98 10.30
CA ALA A 7 6.01 40.81 9.10
C ALA A 7 5.86 39.97 7.83
N HIS A 8 6.14 38.68 7.94
CA HIS A 8 6.13 37.78 6.79
C HIS A 8 5.03 36.72 6.89
N LYS A 9 4.08 36.94 7.79
CA LYS A 9 2.94 36.04 7.93
C LYS A 9 1.80 36.46 7.02
N VAL A 10 0.92 35.51 6.71
CA VAL A 10 -0.23 35.76 5.84
C VAL A 10 -1.53 35.79 6.65
N GLY A 11 -2.42 36.71 6.29
CA GLY A 11 -3.67 36.88 7.00
C GLY A 11 -4.72 35.88 6.59
N LEU A 12 -5.90 35.98 7.21
CA LEU A 12 -6.96 34.99 7.05
C LEU A 12 -7.50 34.86 5.62
N ILE A 13 -7.81 35.98 4.98
CA ILE A 13 -8.47 35.95 3.67
C ILE A 13 -7.59 35.24 2.62
N PRO A 14 -6.32 35.67 2.45
CA PRO A 14 -5.50 34.99 1.46
C PRO A 14 -5.36 33.48 1.70
N VAL A 15 -5.17 33.10 2.97
CA VAL A 15 -5.04 31.69 3.33
C VAL A 15 -6.29 30.93 2.95
N THR A 16 -7.46 31.45 3.36
CA THR A 16 -8.72 30.82 3.02
C THR A 16 -8.82 30.66 1.50
N LEU A 17 -8.50 31.72 0.77
CA LEU A 17 -8.57 31.66 -0.68
C LEU A 17 -7.53 30.72 -1.26
N MET A 18 -6.42 30.55 -0.54
CA MET A 18 -5.39 29.60 -0.95
C MET A 18 -5.90 28.18 -0.81
N VAL A 19 -6.58 27.89 0.30
CA VAL A 19 -7.19 26.59 0.48
C VAL A 19 -8.26 26.34 -0.59
N SER A 20 -9.24 27.23 -0.67
CA SER A 20 -10.34 27.06 -1.63
C SER A 20 -9.81 26.98 -3.06
N GLY A 21 -8.81 27.80 -3.34
CA GLY A 21 -8.20 27.83 -4.66
C GLY A 21 -7.34 26.62 -4.92
N ASN A 22 -6.66 26.12 -3.89
CA ASN A 22 -5.87 24.91 -4.03
C ASN A 22 -6.79 23.74 -4.32
N ILE A 23 -7.97 23.78 -3.70
CA ILE A 23 -8.97 22.75 -3.92
C ILE A 23 -9.63 22.84 -5.31
N MET A 24 -10.22 23.99 -5.63
CA MET A 24 -11.02 24.10 -6.87
C MET A 24 -10.21 24.35 -8.14
N GLY A 25 -9.07 25.01 -7.99
CA GLY A 25 -8.31 25.55 -9.12
C GLY A 25 -8.25 24.72 -10.39
N SER A 26 -7.97 23.43 -10.25
CA SER A 26 -7.61 22.60 -11.38
C SER A 26 -8.78 22.01 -12.16
N GLY A 27 -9.89 21.69 -11.48
CA GLY A 27 -10.93 20.89 -12.08
C GLY A 27 -12.38 21.34 -11.91
N VAL A 28 -12.59 22.47 -11.25
CA VAL A 28 -13.96 22.94 -11.02
C VAL A 28 -14.70 23.17 -12.33
N PHE A 29 -13.95 23.50 -13.38
CA PHE A 29 -14.54 23.82 -14.69
C PHE A 29 -14.73 22.59 -15.56
N LEU A 30 -14.18 21.46 -15.13
CA LEU A 30 -14.23 20.22 -15.89
C LEU A 30 -15.16 19.18 -15.25
N LEU A 31 -15.66 19.47 -14.05
CA LEU A 31 -16.48 18.53 -13.30
C LEU A 31 -17.80 18.16 -13.98
N PRO A 32 -18.58 19.17 -14.44
CA PRO A 32 -19.87 18.80 -15.05
C PRO A 32 -19.73 17.89 -16.26
N ALA A 33 -18.62 18.02 -16.99
CA ALA A 33 -18.33 17.12 -18.09
C ALA A 33 -18.15 15.69 -17.57
N ASN A 34 -17.22 15.52 -16.63
CA ASN A 34 -16.95 14.22 -16.05
C ASN A 34 -18.20 13.55 -15.50
N LEU A 35 -19.01 14.30 -14.74
CA LEU A 35 -20.20 13.72 -14.12
C LEU A 35 -21.34 13.50 -15.13
N ALA A 36 -21.20 14.03 -16.33
CA ALA A 36 -22.25 13.92 -17.34
C ALA A 36 -22.49 12.48 -17.76
N SER A 37 -21.46 11.64 -17.65
CA SER A 37 -21.58 10.24 -18.06
C SER A 37 -22.40 9.44 -17.04
N THR A 38 -22.45 9.93 -15.80
CA THR A 38 -23.27 9.30 -14.77
C THR A 38 -24.64 9.94 -14.73
N GLY A 39 -24.68 11.26 -14.75
CA GLY A 39 -25.92 12.00 -14.77
C GLY A 39 -26.26 12.71 -13.47
N GLY A 40 -27.46 13.27 -13.42
CA GLY A 40 -27.91 14.07 -12.29
C GLY A 40 -27.78 13.37 -10.95
N ILE A 41 -27.86 12.05 -10.96
CA ILE A 41 -27.74 11.23 -9.75
C ILE A 41 -26.46 11.55 -9.01
N ALA A 42 -25.52 12.17 -9.72
CA ALA A 42 -24.26 12.61 -9.12
C ALA A 42 -24.50 13.46 -7.88
N ILE A 43 -25.66 14.10 -7.79
CA ILE A 43 -25.97 14.89 -6.60
C ILE A 43 -25.88 14.02 -5.35
N TYR A 44 -26.23 12.74 -5.50
CA TYR A 44 -26.07 11.79 -4.40
C TYR A 44 -24.59 11.60 -4.09
N GLY A 45 -23.75 11.67 -5.12
CA GLY A 45 -22.32 11.51 -4.94
C GLY A 45 -21.75 12.74 -4.26
N TRP A 46 -22.26 13.91 -4.63
CA TRP A 46 -21.86 15.17 -4.00
C TRP A 46 -22.20 15.17 -2.53
N LEU A 47 -23.43 14.77 -2.21
CA LEU A 47 -23.90 14.74 -0.83
C LEU A 47 -23.00 13.88 0.06
N VAL A 48 -22.60 12.71 -0.44
CA VAL A 48 -21.73 11.81 0.31
C VAL A 48 -20.32 12.40 0.44
N THR A 49 -19.80 12.91 -0.67
CA THR A 49 -18.45 13.47 -0.70
C THR A 49 -18.30 14.66 0.25
N ILE A 50 -19.27 15.57 0.21
CA ILE A 50 -19.21 16.79 1.01
C ILE A 50 -19.25 16.48 2.50
N ILE A 51 -20.03 15.48 2.88
CA ILE A 51 -20.12 15.09 4.29
C ILE A 51 -18.77 14.53 4.77
N GLY A 52 -18.08 13.81 3.88
CA GLY A 52 -16.78 13.25 4.21
C GLY A 52 -15.67 14.29 4.18
N ALA A 53 -15.83 15.29 3.32
CA ALA A 53 -14.82 16.33 3.16
C ALA A 53 -14.87 17.30 4.34
N LEU A 54 -16.07 17.61 4.82
CA LEU A 54 -16.23 18.40 6.04
C LEU A 54 -15.56 17.65 7.18
N GLY A 55 -15.85 16.35 7.26
CA GLY A 55 -15.26 15.49 8.26
C GLY A 55 -13.75 15.58 8.28
N LEU A 56 -13.13 15.54 7.10
CA LEU A 56 -11.68 15.61 6.98
C LEU A 56 -11.15 17.01 7.32
N SER A 57 -11.90 18.03 6.93
CA SER A 57 -11.51 19.41 7.19
C SER A 57 -11.63 19.74 8.68
N MET A 58 -12.69 19.25 9.31
CA MET A 58 -12.86 19.41 10.75
C MET A 58 -11.72 18.74 11.50
N VAL A 59 -11.28 17.58 11.00
CA VAL A 59 -10.14 16.88 11.59
C VAL A 59 -8.88 17.74 11.52
N TYR A 60 -8.61 18.28 10.34
CA TYR A 60 -7.46 19.15 10.14
C TYR A 60 -7.60 20.45 10.93
N ALA A 61 -8.81 20.98 10.99
CA ALA A 61 -9.08 22.21 11.72
C ALA A 61 -8.78 22.05 13.21
N LYS A 62 -9.30 20.98 13.80
CA LYS A 62 -9.11 20.73 15.23
C LYS A 62 -7.66 20.37 15.53
N MET A 63 -7.05 19.61 14.65
CA MET A 63 -5.68 19.14 14.86
C MET A 63 -4.71 20.32 14.85
N SER A 64 -4.95 21.27 13.95
CA SER A 64 -4.08 22.45 13.84
C SER A 64 -4.35 23.45 14.96
N PHE A 65 -5.56 23.41 15.52
CA PHE A 65 -5.88 24.23 16.68
C PHE A 65 -5.10 23.72 17.89
N LEU A 66 -4.94 22.42 18.02
CA LEU A 66 -4.17 21.86 19.11
C LEU A 66 -2.68 21.86 18.85
N ASP A 67 -2.29 21.85 17.60
CA ASP A 67 -0.88 21.86 17.25
C ASP A 67 -0.69 22.52 15.92
N PRO A 68 -0.47 23.88 15.97
CA PRO A 68 -0.28 24.50 14.67
C PRO A 68 1.16 24.46 14.26
N SER A 69 1.66 23.27 14.07
CA SER A 69 3.05 23.06 13.63
C SER A 69 3.18 23.19 12.10
N PRO A 70 4.28 23.80 11.62
CA PRO A 70 4.53 23.86 10.18
C PRO A 70 4.75 22.48 9.57
N GLY A 71 4.18 22.26 8.38
CA GLY A 71 4.28 20.98 7.70
C GLY A 71 2.96 20.23 7.74
N GLY A 72 2.08 20.66 8.64
CA GLY A 72 0.78 20.04 8.79
C GLY A 72 0.85 18.55 9.08
N SER A 73 0.31 17.77 8.15
CA SER A 73 0.27 16.31 8.29
C SER A 73 1.61 15.73 8.71
N TYR A 74 2.68 16.25 8.12
CA TYR A 74 4.02 15.80 8.45
C TYR A 74 4.26 15.88 9.95
N ALA A 75 3.81 16.98 10.55
CA ALA A 75 4.09 17.26 11.96
C ALA A 75 3.24 16.37 12.87
N TYR A 76 1.99 16.18 12.49
CA TYR A 76 1.06 15.38 13.28
C TYR A 76 1.48 13.92 13.30
N ALA A 77 1.90 13.42 12.14
CA ALA A 77 2.28 12.01 12.00
C ALA A 77 3.53 11.72 12.81
N ARG A 78 4.51 12.62 12.72
CA ARG A 78 5.76 12.46 13.44
C ARG A 78 5.52 12.49 14.95
N ARG A 79 4.50 13.25 15.35
CA ARG A 79 4.20 13.42 16.77
C ARG A 79 3.68 12.14 17.40
N CYS A 80 2.79 11.44 16.69
CA CYS A 80 2.08 10.30 17.27
C CYS A 80 2.70 8.96 16.88
N PHE A 81 3.44 8.94 15.77
CA PHE A 81 4.04 7.69 15.27
C PHE A 81 5.57 7.70 15.26
N GLY A 82 6.17 8.89 15.31
CA GLY A 82 7.62 9.00 15.37
C GLY A 82 8.25 9.38 14.04
N PRO A 83 9.59 9.47 14.02
CA PRO A 83 10.38 9.97 12.89
C PRO A 83 10.16 9.27 11.54
N PHE A 84 10.04 7.94 11.55
CA PHE A 84 9.93 7.20 10.29
C PHE A 84 8.67 7.57 9.50
N LEU A 85 7.53 7.63 10.17
CA LEU A 85 6.27 7.91 9.49
C LEU A 85 6.15 9.40 9.17
N GLY A 86 6.89 10.23 9.89
CA GLY A 86 7.01 11.63 9.54
C GLY A 86 7.77 11.77 8.23
N TYR A 87 8.94 11.13 8.20
CA TYR A 87 9.77 11.05 6.99
C TYR A 87 8.92 10.59 5.81
N GLN A 88 8.26 9.45 5.97
CA GLN A 88 7.38 8.90 4.95
C GLN A 88 6.33 9.92 4.50
N THR A 89 5.58 10.45 5.48
CA THR A 89 4.54 11.42 5.18
C THR A 89 5.06 12.57 4.33
N ASN A 90 6.19 13.15 4.74
CA ASN A 90 6.75 14.27 4.00
C ASN A 90 7.17 13.89 2.60
N VAL A 91 7.85 12.76 2.45
CA VAL A 91 8.21 12.30 1.12
C VAL A 91 6.96 12.23 0.24
N LEU A 92 5.97 11.45 0.69
CA LEU A 92 4.74 11.27 -0.08
C LEU A 92 4.10 12.60 -0.44
N TYR A 93 3.88 13.44 0.57
CA TYR A 93 3.14 14.69 0.35
C TYR A 93 3.89 15.69 -0.51
N TRP A 94 5.20 15.76 -0.31
CA TRP A 94 6.07 16.64 -1.08
C TRP A 94 6.04 16.25 -2.56
N LEU A 95 6.25 14.96 -2.81
CA LEU A 95 6.14 14.44 -4.17
C LEU A 95 4.78 14.76 -4.74
N ALA A 96 3.74 14.45 -3.98
CA ALA A 96 2.37 14.76 -4.40
C ALA A 96 2.25 16.23 -4.77
N CYS A 97 2.79 17.09 -3.92
CA CYS A 97 2.71 18.53 -4.15
C CYS A 97 3.32 18.91 -5.48
N TRP A 98 4.62 18.67 -5.69
CA TRP A 98 5.21 19.23 -6.92
C TRP A 98 4.96 18.38 -8.18
N ILE A 99 4.71 17.08 -8.05
CA ILE A 99 4.39 16.26 -9.22
C ILE A 99 3.04 16.64 -9.81
N GLY A 100 2.08 16.97 -8.95
CA GLY A 100 0.74 17.33 -9.41
C GLY A 100 0.66 18.66 -10.13
N ASN A 101 1.68 19.49 -10.00
CA ASN A 101 1.69 20.81 -10.62
C ASN A 101 1.77 20.72 -12.15
N ILE A 102 2.41 19.66 -12.63
CA ILE A 102 2.58 19.42 -14.06
C ILE A 102 1.23 19.38 -14.78
N ALA A 103 0.30 18.64 -14.21
CA ALA A 103 -1.04 18.54 -14.76
C ALA A 103 -1.67 19.93 -14.79
N MET A 104 -1.58 20.61 -13.65
CA MET A 104 -2.22 21.90 -13.49
C MET A 104 -1.75 22.89 -14.53
N VAL A 105 -0.44 23.05 -14.70
CA VAL A 105 0.05 24.04 -15.64
C VAL A 105 -0.36 23.70 -17.09
N VAL A 106 -0.41 22.41 -17.42
CA VAL A 106 -0.85 22.00 -18.75
C VAL A 106 -2.32 22.38 -18.94
N ILE A 107 -3.16 22.10 -17.95
CA ILE A 107 -4.56 22.51 -18.02
C ILE A 107 -4.67 24.02 -18.16
N GLY A 108 -3.90 24.73 -17.35
CA GLY A 108 -3.96 26.19 -17.31
C GLY A 108 -3.53 26.85 -18.60
N VAL A 109 -2.34 26.48 -19.10
CA VAL A 109 -1.89 26.97 -20.40
C VAL A 109 -2.86 26.47 -21.46
N GLY A 110 -3.40 25.28 -21.23
CA GLY A 110 -4.42 24.71 -22.10
C GLY A 110 -5.61 25.64 -22.29
N TYR A 111 -6.15 26.15 -21.18
CA TYR A 111 -7.26 27.12 -21.24
C TYR A 111 -6.90 28.36 -22.04
N LEU A 112 -5.61 28.70 -22.07
CA LEU A 112 -5.16 29.91 -22.77
C LEU A 112 -5.02 29.69 -24.27
N SER A 113 -5.11 28.44 -24.70
CA SER A 113 -5.12 28.13 -26.12
C SER A 113 -6.35 28.73 -26.80
N TYR A 114 -7.35 29.09 -26.00
CA TYR A 114 -8.54 29.77 -26.53
C TYR A 114 -8.15 31.03 -27.26
N PHE A 115 -7.19 31.75 -26.70
CA PHE A 115 -6.71 32.98 -27.30
C PHE A 115 -5.56 32.70 -28.26
N PHE A 116 -4.57 31.96 -27.77
CA PHE A 116 -3.37 31.63 -28.54
C PHE A 116 -3.37 30.15 -28.93
N PRO A 117 -4.01 29.80 -30.06
CA PRO A 117 -4.06 28.39 -30.45
C PRO A 117 -2.68 27.75 -30.58
N ILE A 118 -1.64 28.58 -30.71
CA ILE A 118 -0.28 28.09 -30.80
C ILE A 118 0.06 27.22 -29.58
N LEU A 119 -0.57 27.54 -28.45
CA LEU A 119 -0.36 26.78 -27.21
C LEU A 119 -0.91 25.36 -27.29
N LYS A 120 -1.52 25.02 -28.42
CA LYS A 120 -1.96 23.65 -28.66
C LYS A 120 -0.81 22.82 -29.22
N ASP A 121 0.19 23.50 -29.78
CA ASP A 121 1.41 22.85 -30.23
C ASP A 121 2.16 22.32 -29.02
N PRO A 122 2.40 20.99 -28.97
CA PRO A 122 3.06 20.41 -27.79
C PRO A 122 4.38 21.09 -27.39
N LEU A 123 5.18 21.46 -28.38
CA LEU A 123 6.46 22.13 -28.14
C LEU A 123 6.24 23.46 -27.41
N VAL A 124 5.48 24.32 -28.06
CA VAL A 124 5.15 25.64 -27.51
C VAL A 124 4.51 25.50 -26.13
N LEU A 125 3.59 24.56 -26.02
CA LEU A 125 2.92 24.28 -24.75
C LEU A 125 3.95 23.96 -23.67
N THR A 126 4.82 23.00 -23.95
CA THR A 126 5.82 22.58 -22.98
C THR A 126 6.68 23.75 -22.52
N ILE A 127 7.23 24.50 -23.48
CA ILE A 127 8.05 25.65 -23.11
C ILE A 127 7.26 26.65 -22.25
N THR A 128 6.03 26.95 -22.68
CA THR A 128 5.18 27.87 -21.94
C THR A 128 4.95 27.39 -20.51
N CYS A 129 4.62 26.11 -20.37
CA CYS A 129 4.43 25.50 -19.07
C CYS A 129 5.66 25.64 -18.19
N VAL A 130 6.83 25.35 -18.74
CA VAL A 130 8.08 25.53 -18.00
C VAL A 130 8.19 26.97 -17.50
N VAL A 131 8.04 27.93 -18.41
CA VAL A 131 8.11 29.35 -18.03
C VAL A 131 7.14 29.67 -16.89
N VAL A 132 5.88 29.25 -17.03
CA VAL A 132 4.86 29.50 -15.99
C VAL A 132 5.24 28.87 -14.63
N LEU A 133 5.61 27.60 -14.67
CA LEU A 133 6.06 26.90 -13.47
C LEU A 133 7.13 27.72 -12.77
N TRP A 134 8.12 28.18 -13.54
CA TRP A 134 9.18 28.99 -12.95
C TRP A 134 8.71 30.37 -12.45
N ILE A 135 7.80 31.00 -13.17
CA ILE A 135 7.18 32.24 -12.70
C ILE A 135 6.70 32.03 -11.26
N PHE A 136 5.89 30.98 -11.07
CA PHE A 136 5.32 30.76 -9.74
C PHE A 136 6.30 30.21 -8.69
N VAL A 137 7.48 29.78 -9.11
CA VAL A 137 8.55 29.47 -8.16
C VAL A 137 9.20 30.77 -7.67
N LEU A 138 9.49 31.66 -8.61
CA LEU A 138 10.06 32.96 -8.28
C LEU A 138 9.13 33.76 -7.36
N LEU A 139 7.83 33.78 -7.69
CA LEU A 139 6.87 34.45 -6.82
C LEU A 139 6.88 33.87 -5.41
N ASN A 140 7.15 32.57 -5.29
CA ASN A 140 7.28 31.94 -3.98
C ASN A 140 8.57 32.39 -3.29
N ILE A 141 9.63 32.54 -4.08
CA ILE A 141 10.88 33.08 -3.53
C ILE A 141 10.68 34.50 -3.00
N VAL A 142 9.90 35.32 -3.69
CA VAL A 142 9.62 36.67 -3.19
C VAL A 142 8.93 36.64 -1.82
N GLY A 143 8.22 35.56 -1.53
CA GLY A 143 7.64 35.35 -0.20
C GLY A 143 6.18 34.92 -0.20
N PRO A 144 5.71 34.34 0.92
CA PRO A 144 4.34 33.82 0.98
C PRO A 144 3.26 34.90 0.86
N LYS A 145 3.58 36.13 1.26
CA LYS A 145 2.62 37.23 1.16
C LYS A 145 2.33 37.50 -0.31
N MET A 146 3.40 37.61 -1.09
CA MET A 146 3.30 37.76 -2.55
C MET A 146 2.44 36.65 -3.15
N ILE A 147 2.88 35.40 -2.97
CA ILE A 147 2.23 34.26 -3.61
C ILE A 147 0.76 34.16 -3.21
N THR A 148 0.46 34.39 -1.93
CA THR A 148 -0.92 34.31 -1.46
C THR A 148 -1.77 35.50 -1.92
N ARG A 149 -1.14 36.65 -2.12
CA ARG A 149 -1.84 37.78 -2.74
C ARG A 149 -2.22 37.43 -4.20
N VAL A 150 -1.23 37.00 -4.97
CA VAL A 150 -1.45 36.59 -6.36
C VAL A 150 -2.56 35.53 -6.46
N GLN A 151 -2.42 34.44 -5.70
CA GLN A 151 -3.39 33.36 -5.77
C GLN A 151 -4.77 33.80 -5.27
N ALA A 152 -4.80 34.77 -4.36
CA ALA A 152 -6.08 35.29 -3.88
C ALA A 152 -6.80 35.94 -5.04
N VAL A 153 -6.09 36.84 -5.73
CA VAL A 153 -6.67 37.45 -6.94
C VAL A 153 -7.12 36.39 -7.94
N ALA A 154 -6.23 35.45 -8.27
CA ALA A 154 -6.54 34.39 -9.22
C ALA A 154 -7.81 33.63 -8.84
N THR A 155 -7.85 33.19 -7.59
CA THR A 155 -8.98 32.44 -7.05
C THR A 155 -10.26 33.24 -7.19
N VAL A 156 -10.21 34.53 -6.82
CA VAL A 156 -11.39 35.36 -6.97
C VAL A 156 -11.81 35.46 -8.43
N LEU A 157 -10.85 35.63 -9.34
CA LEU A 157 -11.18 35.67 -10.77
C LEU A 157 -11.88 34.39 -11.21
N ALA A 158 -11.36 33.25 -10.77
CA ALA A 158 -11.94 31.96 -11.13
C ALA A 158 -13.37 31.77 -10.63
N LEU A 159 -13.77 32.55 -9.64
CA LEU A 159 -15.09 32.39 -9.01
C LEU A 159 -16.21 33.12 -9.75
N ILE A 160 -15.86 33.90 -10.76
CA ILE A 160 -16.83 34.73 -11.44
C ILE A 160 -17.82 33.87 -12.26
N PRO A 161 -17.30 33.04 -13.20
CA PRO A 161 -18.22 32.16 -13.93
C PRO A 161 -19.00 31.22 -13.00
N ILE A 162 -18.29 30.63 -12.05
CA ILE A 162 -18.86 29.64 -11.15
C ILE A 162 -20.04 30.20 -10.35
N VAL A 163 -19.87 31.37 -9.75
CA VAL A 163 -20.92 31.99 -8.95
C VAL A 163 -21.99 32.60 -9.86
N GLY A 164 -21.55 33.23 -10.96
CA GLY A 164 -22.49 33.76 -11.94
C GLY A 164 -23.51 32.71 -12.32
N ILE A 165 -23.02 31.52 -12.65
CA ILE A 165 -23.89 30.38 -12.87
C ILE A 165 -24.66 30.03 -11.60
N ALA A 166 -23.94 29.78 -10.51
CA ALA A 166 -24.55 29.28 -9.27
C ALA A 166 -25.56 30.25 -8.64
N VAL A 167 -25.63 31.50 -9.12
CA VAL A 167 -26.63 32.45 -8.65
C VAL A 167 -27.67 32.78 -9.73
N PHE A 168 -27.21 32.95 -10.97
CA PHE A 168 -28.08 33.45 -12.03
C PHE A 168 -28.36 32.38 -13.08
N GLY A 169 -27.49 31.37 -13.14
CA GLY A 169 -27.72 30.21 -13.96
C GLY A 169 -29.06 29.54 -13.66
N TRP A 170 -29.49 29.65 -12.40
CA TRP A 170 -30.75 29.03 -11.96
C TRP A 170 -31.99 29.69 -12.57
N PHE A 171 -31.78 30.78 -13.30
CA PHE A 171 -32.87 31.47 -13.98
C PHE A 171 -32.98 30.99 -15.42
N TRP A 172 -32.07 30.09 -15.80
CA TRP A 172 -32.15 29.38 -17.08
C TRP A 172 -32.17 27.86 -16.84
N PHE A 173 -31.97 27.45 -15.60
CA PHE A 173 -31.99 26.04 -15.22
C PHE A 173 -33.36 25.44 -15.45
N ARG A 174 -33.40 24.17 -15.82
CA ARG A 174 -34.65 23.45 -16.03
C ARG A 174 -34.55 22.00 -15.57
N GLY A 175 -35.39 21.65 -14.61
CA GLY A 175 -35.38 20.32 -14.01
C GLY A 175 -35.61 19.19 -14.98
N GLU A 176 -36.41 19.47 -16.02
CA GLU A 176 -36.65 18.49 -17.08
C GLU A 176 -35.33 18.06 -17.67
N THR A 177 -34.48 19.06 -17.97
CA THR A 177 -33.17 18.81 -18.55
C THR A 177 -32.31 17.97 -17.61
N TYR A 178 -32.28 18.36 -16.33
CA TYR A 178 -31.48 17.68 -15.33
C TYR A 178 -31.89 16.22 -15.20
N MET A 179 -33.18 15.98 -15.03
CA MET A 179 -33.69 14.63 -14.80
C MET A 179 -33.74 13.80 -16.09
N ALA A 180 -33.80 14.46 -17.25
CA ALA A 180 -33.74 13.77 -18.53
C ALA A 180 -32.47 12.95 -18.65
N ALA A 181 -31.48 13.27 -17.82
CA ALA A 181 -30.23 12.52 -17.77
C ALA A 181 -29.86 12.15 -16.34
N TRP A 182 -30.87 11.84 -15.54
CA TRP A 182 -30.67 11.47 -14.14
C TRP A 182 -29.68 10.35 -13.94
N ASN A 183 -29.70 9.37 -14.83
CA ASN A 183 -28.79 8.26 -14.72
C ASN A 183 -28.52 7.65 -16.07
N VAL A 184 -27.41 8.07 -16.64
CA VAL A 184 -27.00 7.57 -17.93
C VAL A 184 -25.84 6.65 -17.79
N SER A 185 -25.59 6.24 -16.56
CA SER A 185 -24.46 5.37 -16.25
C SER A 185 -24.70 3.94 -16.72
N GLY A 186 -25.97 3.56 -16.86
CA GLY A 186 -26.32 2.19 -17.18
C GLY A 186 -26.13 1.27 -15.99
N LEU A 187 -25.91 1.88 -14.82
CA LEU A 187 -25.72 1.14 -13.58
C LEU A 187 -26.91 1.33 -12.67
N GLY A 188 -26.96 0.53 -11.61
CA GLY A 188 -27.94 0.74 -10.56
C GLY A 188 -27.59 2.00 -9.80
N THR A 189 -28.32 2.28 -8.73
CA THR A 189 -28.12 3.51 -7.98
C THR A 189 -26.75 3.52 -7.30
N PHE A 190 -26.41 2.44 -6.59
CA PHE A 190 -25.13 2.38 -5.89
C PHE A 190 -23.96 2.53 -6.86
N GLY A 191 -24.02 1.82 -7.98
CA GLY A 191 -22.97 1.86 -8.96
C GLY A 191 -22.78 3.24 -9.55
N ALA A 192 -23.90 3.90 -9.82
CA ALA A 192 -23.88 5.26 -10.35
C ALA A 192 -23.29 6.24 -9.34
N ILE A 193 -23.78 6.19 -8.12
CA ILE A 193 -23.25 7.01 -7.04
C ILE A 193 -21.75 6.76 -6.89
N GLN A 194 -21.37 5.49 -6.92
CA GLN A 194 -19.97 5.09 -6.80
C GLN A 194 -19.14 5.70 -7.92
N SER A 195 -19.65 5.57 -9.16
CA SER A 195 -18.97 6.13 -10.32
C SER A 195 -18.83 7.65 -10.15
N THR A 196 -19.82 8.27 -9.54
CA THR A 196 -19.71 9.68 -9.19
C THR A 196 -18.62 9.93 -8.13
N LEU A 197 -18.58 9.09 -7.11
CA LEU A 197 -17.58 9.23 -6.05
C LEU A 197 -16.16 9.17 -6.63
N ASN A 198 -15.95 8.24 -7.57
CA ASN A 198 -14.66 8.12 -8.25
C ASN A 198 -14.16 9.46 -8.83
N VAL A 199 -15.08 10.40 -9.03
CA VAL A 199 -14.73 11.73 -9.52
C VAL A 199 -14.72 12.74 -8.36
N THR A 200 -15.81 12.77 -7.62
CA THR A 200 -16.01 13.83 -6.64
C THR A 200 -15.09 13.73 -5.42
N LEU A 201 -14.68 12.52 -5.05
CA LEU A 201 -13.86 12.38 -3.84
C LEU A 201 -12.50 13.08 -3.94
N TRP A 202 -11.91 13.07 -5.13
CA TRP A 202 -10.61 13.70 -5.32
C TRP A 202 -10.73 15.21 -5.51
N SER A 203 -11.96 15.70 -5.61
CA SER A 203 -12.22 17.12 -5.82
C SER A 203 -11.69 17.99 -4.68
N PHE A 204 -11.59 17.40 -3.49
CA PHE A 204 -11.32 18.17 -2.28
C PHE A 204 -9.88 18.01 -1.76
N ILE A 205 -9.00 17.47 -2.61
CA ILE A 205 -7.57 17.50 -2.31
C ILE A 205 -7.17 18.96 -2.14
N GLY A 206 -6.42 19.25 -1.09
CA GLY A 206 -6.03 20.61 -0.76
C GLY A 206 -6.69 21.12 0.51
N VAL A 207 -7.60 20.31 1.05
CA VAL A 207 -8.22 20.59 2.34
C VAL A 207 -7.15 20.85 3.40
N GLU A 208 -5.99 20.20 3.23
CA GLU A 208 -4.91 20.26 4.20
C GLU A 208 -3.99 21.47 4.00
N SER A 209 -4.28 22.27 2.98
CA SER A 209 -3.38 23.35 2.57
C SER A 209 -2.93 24.28 3.71
N ALA A 210 -3.89 24.86 4.42
CA ALA A 210 -3.57 25.82 5.47
C ALA A 210 -2.85 25.16 6.65
N SER A 211 -3.16 23.89 6.90
CA SER A 211 -2.49 23.14 7.96
C SER A 211 -1.02 22.95 7.63
N VAL A 212 -0.73 22.58 6.40
CA VAL A 212 0.64 22.37 5.94
C VAL A 212 1.40 23.70 5.90
N ALA A 213 0.67 24.79 5.64
CA ALA A 213 1.26 26.12 5.52
C ALA A 213 1.19 26.88 6.85
N ALA A 214 0.89 26.18 7.94
CA ALA A 214 0.67 26.82 9.23
C ALA A 214 1.82 27.72 9.66
N GLY A 215 3.05 27.39 9.26
CA GLY A 215 4.21 28.14 9.68
C GLY A 215 4.41 29.50 9.03
N VAL A 216 3.49 29.89 8.14
CA VAL A 216 3.55 31.20 7.51
C VAL A 216 2.20 31.92 7.66
N VAL A 217 1.34 31.38 8.51
CA VAL A 217 0.02 31.95 8.76
C VAL A 217 0.01 32.77 10.05
N LYS A 218 -0.62 33.93 10.00
CA LYS A 218 -0.82 34.78 11.16
C LYS A 218 -1.81 34.15 12.11
N ASN A 219 -1.46 34.08 13.41
CA ASN A 219 -2.36 33.53 14.43
C ASN A 219 -2.99 32.21 13.99
N PRO A 220 -2.15 31.21 13.68
CA PRO A 220 -2.56 29.93 13.06
C PRO A 220 -3.59 29.16 13.89
N LYS A 221 -3.39 29.10 15.20
CA LYS A 221 -4.28 28.41 16.10
C LYS A 221 -5.73 28.90 15.94
N ARG A 222 -5.86 30.15 15.49
CA ARG A 222 -7.16 30.74 15.19
C ARG A 222 -7.49 30.62 13.70
N ASN A 223 -6.52 30.97 12.86
CA ASN A 223 -6.80 31.19 11.44
C ASN A 223 -6.76 29.93 10.57
N VAL A 224 -5.88 28.99 10.88
CA VAL A 224 -5.77 27.77 10.09
C VAL A 224 -7.07 26.97 10.11
N PRO A 225 -7.68 26.80 11.31
CA PRO A 225 -8.97 26.11 11.37
C PRO A 225 -10.04 26.77 10.48
N ILE A 226 -10.16 28.08 10.63
CA ILE A 226 -11.18 28.85 9.90
C ILE A 226 -10.93 28.77 8.40
N ALA A 227 -9.67 28.86 8.00
CA ALA A 227 -9.30 28.77 6.60
C ALA A 227 -9.57 27.38 6.03
N THR A 228 -9.24 26.35 6.82
CA THR A 228 -9.51 24.98 6.45
C THR A 228 -11.00 24.77 6.15
N ILE A 229 -11.81 24.91 7.19
CA ILE A 229 -13.24 24.66 7.07
C ILE A 229 -13.86 25.64 6.06
N GLY A 230 -13.39 26.88 6.12
CA GLY A 230 -13.87 27.94 5.25
C GLY A 230 -13.67 27.64 3.78
N GLY A 231 -12.45 27.24 3.43
CA GLY A 231 -12.12 26.92 2.05
C GLY A 231 -12.94 25.74 1.57
N VAL A 232 -12.97 24.69 2.39
CA VAL A 232 -13.71 23.49 2.02
C VAL A 232 -15.19 23.81 1.73
N LEU A 233 -15.84 24.59 2.58
CA LEU A 233 -17.24 24.94 2.31
C LEU A 233 -17.43 25.69 0.98
N ILE A 234 -16.55 26.64 0.68
CA ILE A 234 -16.63 27.37 -0.59
C ILE A 234 -16.57 26.38 -1.74
N ALA A 235 -15.55 25.51 -1.70
CA ALA A 235 -15.40 24.48 -2.72
C ALA A 235 -16.69 23.67 -2.88
N ALA A 236 -17.23 23.21 -1.75
CA ALA A 236 -18.46 22.43 -1.78
C ALA A 236 -19.62 23.16 -2.46
N VAL A 237 -19.95 24.34 -1.96
CA VAL A 237 -21.06 25.12 -2.50
C VAL A 237 -20.89 25.32 -4.00
N CYS A 238 -19.73 25.82 -4.39
CA CYS A 238 -19.44 26.09 -5.79
C CYS A 238 -19.60 24.83 -6.65
N TYR A 239 -19.02 23.73 -6.19
CA TYR A 239 -19.14 22.46 -6.87
C TYR A 239 -20.59 22.08 -7.13
N VAL A 240 -21.35 21.89 -6.05
CA VAL A 240 -22.72 21.41 -6.19
C VAL A 240 -23.51 22.36 -7.09
N LEU A 241 -23.48 23.65 -6.76
CA LEU A 241 -24.31 24.60 -7.48
C LEU A 241 -23.92 24.72 -8.95
N SER A 242 -22.63 24.83 -9.23
CA SER A 242 -22.18 24.99 -10.61
C SER A 242 -22.54 23.75 -11.44
N THR A 243 -22.15 22.57 -10.97
CA THR A 243 -22.39 21.36 -11.76
C THR A 243 -23.89 21.10 -11.90
N THR A 244 -24.63 21.25 -10.80
CA THR A 244 -26.07 21.06 -10.82
C THR A 244 -26.71 22.02 -11.81
N ALA A 245 -26.40 23.31 -11.65
CA ALA A 245 -26.89 24.34 -12.56
C ALA A 245 -26.64 23.95 -14.01
N ILE A 246 -25.37 23.74 -14.36
CA ILE A 246 -25.01 23.44 -15.74
C ILE A 246 -25.71 22.17 -16.26
N MET A 247 -25.87 21.17 -15.39
CA MET A 247 -26.55 19.94 -15.82
C MET A 247 -28.01 20.18 -16.21
N GLY A 248 -28.59 21.30 -15.77
CA GLY A 248 -29.96 21.63 -16.10
C GLY A 248 -30.10 22.66 -17.20
N MET A 249 -28.98 23.21 -17.64
CA MET A 249 -28.98 24.24 -18.67
C MET A 249 -28.50 23.67 -20.02
N ILE A 250 -27.51 22.78 -19.97
CA ILE A 250 -26.99 22.17 -21.19
C ILE A 250 -27.42 20.71 -21.24
N PRO A 251 -27.82 20.24 -22.45
CA PRO A 251 -28.20 18.83 -22.60
C PRO A 251 -27.06 17.88 -22.26
N ASN A 252 -27.39 16.76 -21.63
CA ASN A 252 -26.41 15.76 -21.23
C ASN A 252 -25.47 15.38 -22.36
N ALA A 253 -26.05 15.10 -23.53
CA ALA A 253 -25.29 14.66 -24.68
C ALA A 253 -24.18 15.64 -25.06
N ALA A 254 -24.50 16.94 -25.07
CA ALA A 254 -23.50 17.97 -25.35
C ALA A 254 -22.51 18.08 -24.21
N LEU A 255 -23.04 18.09 -23.00
CA LEU A 255 -22.26 18.26 -21.78
C LEU A 255 -21.16 17.21 -21.67
N ARG A 256 -21.47 15.99 -22.10
CA ARG A 256 -20.49 14.92 -22.10
C ARG A 256 -19.31 15.17 -23.04
N VAL A 257 -19.60 15.71 -24.23
CA VAL A 257 -18.61 15.82 -25.29
C VAL A 257 -17.59 16.94 -25.04
N SER A 258 -18.06 18.07 -24.51
CA SER A 258 -17.22 19.24 -24.32
C SER A 258 -15.99 18.98 -23.45
N ALA A 259 -14.85 19.51 -23.87
CA ALA A 259 -13.61 19.45 -23.09
C ALA A 259 -13.43 20.71 -22.25
N SER A 260 -14.41 21.60 -22.33
CA SER A 260 -14.43 22.84 -21.56
C SER A 260 -15.85 23.40 -21.57
N PRO A 261 -16.72 22.77 -20.82
CA PRO A 261 -18.14 23.05 -20.75
C PRO A 261 -18.64 24.39 -20.31
N PHE A 262 -18.12 24.98 -19.27
CA PHE A 262 -18.59 26.29 -18.92
C PHE A 262 -18.18 27.15 -20.09
N GLY A 263 -16.98 26.88 -20.58
CA GLY A 263 -16.39 27.55 -21.71
C GLY A 263 -17.08 27.26 -23.01
N ASP A 264 -17.42 26.01 -23.27
CA ASP A 264 -18.14 25.69 -24.50
C ASP A 264 -19.50 26.30 -24.44
N ALA A 265 -20.12 26.20 -23.27
CA ALA A 265 -21.43 26.75 -23.02
C ALA A 265 -21.47 28.22 -23.07
N ALA A 266 -20.39 28.81 -22.61
CA ALA A 266 -20.28 30.27 -22.51
C ALA A 266 -20.08 30.90 -23.89
N ARG A 267 -19.07 30.42 -24.61
CA ARG A 267 -18.72 30.94 -25.93
C ARG A 267 -19.92 30.97 -26.87
N MET A 268 -20.86 30.08 -26.59
CA MET A 268 -22.06 29.90 -27.41
C MET A 268 -23.36 30.45 -26.88
N ALA A 269 -23.34 31.20 -25.78
CA ALA A 269 -24.57 31.77 -25.26
C ALA A 269 -24.52 33.27 -25.23
N LEU A 270 -23.50 33.80 -24.60
CA LEU A 270 -23.37 35.25 -24.49
C LEU A 270 -22.34 35.85 -25.42
N GLY A 271 -21.86 35.06 -26.35
CA GLY A 271 -20.93 35.46 -27.39
C GLY A 271 -19.50 34.99 -27.20
N ASP A 272 -18.65 35.35 -28.16
CA ASP A 272 -17.24 34.97 -28.16
C ASP A 272 -16.51 35.56 -26.95
N THR A 273 -16.89 36.79 -26.60
CA THR A 273 -16.31 37.50 -25.47
C THR A 273 -16.56 36.73 -24.17
N ALA A 274 -17.77 36.21 -24.01
CA ALA A 274 -18.10 35.42 -22.83
C ALA A 274 -17.17 34.21 -22.68
N GLY A 275 -17.04 33.45 -23.76
CA GLY A 275 -16.14 32.32 -23.79
C GLY A 275 -14.72 32.73 -23.45
N ALA A 276 -14.28 33.82 -24.05
CA ALA A 276 -12.98 34.39 -23.74
C ALA A 276 -12.83 34.60 -22.23
N ILE A 277 -13.78 35.33 -21.64
CA ILE A 277 -13.78 35.60 -20.21
C ILE A 277 -13.65 34.31 -19.40
N VAL A 278 -14.54 33.35 -19.66
CA VAL A 278 -14.52 32.09 -18.91
C VAL A 278 -13.16 31.39 -19.03
N SER A 279 -12.62 31.32 -20.25
CA SER A 279 -11.31 30.74 -20.45
C SER A 279 -10.25 31.43 -19.60
N PHE A 280 -10.27 32.76 -19.63
CA PHE A 280 -9.32 33.53 -18.83
C PHE A 280 -9.43 33.20 -17.35
N CYS A 281 -10.65 33.25 -16.81
CA CYS A 281 -10.87 32.97 -15.40
C CYS A 281 -10.43 31.55 -15.03
N ALA A 282 -10.76 30.58 -15.88
CA ALA A 282 -10.32 29.21 -15.67
C ALA A 282 -8.79 29.16 -15.58
N ALA A 283 -8.12 29.73 -16.58
CA ALA A 283 -6.66 29.75 -16.59
C ALA A 283 -6.11 30.45 -15.35
N ALA A 284 -6.77 31.53 -14.93
CA ALA A 284 -6.36 32.25 -13.73
C ALA A 284 -6.41 31.33 -12.52
N GLY A 285 -7.60 30.78 -12.24
CA GLY A 285 -7.77 29.90 -11.09
C GLY A 285 -6.83 28.72 -11.12
N CYS A 286 -6.60 28.19 -12.32
CA CYS A 286 -5.70 27.06 -12.47
C CYS A 286 -4.24 27.43 -12.17
N LEU A 287 -3.71 28.38 -12.92
CA LEU A 287 -2.30 28.76 -12.78
C LEU A 287 -2.02 29.40 -11.43
N GLY A 288 -3.04 30.00 -10.82
CA GLY A 288 -2.91 30.56 -9.49
C GLY A 288 -2.55 29.50 -8.45
N SER A 289 -3.09 28.31 -8.62
CA SER A 289 -2.92 27.23 -7.66
C SER A 289 -1.50 26.67 -7.65
N LEU A 290 -0.79 26.81 -8.78
CA LEU A 290 0.61 26.41 -8.88
C LEU A 290 1.40 26.99 -7.71
N GLY A 291 1.13 28.25 -7.42
CA GLY A 291 1.80 28.97 -6.36
C GLY A 291 1.53 28.38 -4.99
N GLY A 292 0.25 28.15 -4.70
CA GLY A 292 -0.14 27.55 -3.44
C GLY A 292 0.52 26.20 -3.24
N TRP A 293 0.41 25.34 -4.24
CA TRP A 293 0.94 23.99 -4.11
C TRP A 293 2.48 23.99 -4.02
N THR A 294 3.11 24.88 -4.78
CA THR A 294 4.56 25.04 -4.69
C THR A 294 4.96 25.49 -3.28
N LEU A 295 4.22 26.46 -2.76
CA LEU A 295 4.37 26.92 -1.37
C LEU A 295 4.32 25.72 -0.42
N LEU A 296 3.25 24.92 -0.54
CA LEU A 296 3.10 23.76 0.32
C LEU A 296 4.28 22.78 0.21
N ALA A 297 4.74 22.52 -1.01
CA ALA A 297 5.95 21.71 -1.20
C ALA A 297 7.11 22.22 -0.36
N GLY A 298 7.46 23.49 -0.61
CA GLY A 298 8.54 24.13 0.13
C GLY A 298 8.35 23.97 1.63
N GLN A 299 7.14 24.26 2.10
CA GLN A 299 6.83 24.18 3.52
C GLN A 299 7.04 22.78 4.11
N THR A 300 6.41 21.76 3.53
CA THR A 300 6.54 20.42 4.11
C THR A 300 8.01 19.98 4.11
N ALA A 301 8.71 20.24 3.00
CA ALA A 301 10.11 19.84 2.92
C ALA A 301 10.96 20.55 3.98
N LYS A 302 10.72 21.86 4.14
CA LYS A 302 11.45 22.62 5.15
C LYS A 302 11.16 22.10 6.56
N ALA A 303 9.88 21.90 6.88
CA ALA A 303 9.49 21.40 8.20
C ALA A 303 10.16 20.06 8.51
N ALA A 304 10.17 19.17 7.52
CA ALA A 304 10.84 17.88 7.71
C ALA A 304 12.37 18.03 7.83
N ALA A 305 12.96 18.89 7.01
CA ALA A 305 14.40 19.09 7.07
C ALA A 305 14.85 19.75 8.38
N ASP A 306 13.98 20.56 8.97
CA ASP A 306 14.28 21.16 10.27
C ASP A 306 14.44 20.12 11.39
N ASP A 307 13.75 18.98 11.27
CA ASP A 307 13.83 17.91 12.27
C ASP A 307 14.83 16.84 11.83
N GLY A 308 15.59 17.12 10.78
CA GLY A 308 16.56 16.18 10.25
C GLY A 308 15.93 14.94 9.63
N LEU A 309 14.74 15.10 9.05
CA LEU A 309 14.04 13.98 8.39
C LEU A 309 13.87 14.25 6.90
N PHE A 310 14.73 15.12 6.36
CA PHE A 310 14.74 15.46 4.94
C PHE A 310 16.03 16.25 4.75
N PRO A 311 16.60 16.23 3.54
CA PRO A 311 17.94 16.83 3.36
C PRO A 311 18.06 18.27 3.88
N PRO A 312 19.23 18.62 4.42
CA PRO A 312 19.44 19.93 5.05
C PRO A 312 19.07 21.13 4.17
N ILE A 313 19.38 21.04 2.89
CA ILE A 313 19.24 22.18 1.99
C ILE A 313 17.80 22.69 1.92
N PHE A 314 16.84 21.82 2.21
CA PHE A 314 15.45 22.23 2.19
C PHE A 314 15.12 23.11 3.40
N ALA A 315 16.06 23.22 4.32
CA ALA A 315 15.89 24.06 5.51
C ALA A 315 16.59 25.40 5.39
N ARG A 316 17.48 25.53 4.40
CA ARG A 316 18.24 26.76 4.23
C ARG A 316 17.34 27.88 3.72
N VAL A 317 17.20 28.91 4.54
CA VAL A 317 16.27 30.00 4.28
C VAL A 317 16.98 31.34 4.13
N ASN A 318 16.29 32.30 3.53
CA ASN A 318 16.75 33.68 3.50
C ASN A 318 16.39 34.36 4.82
N LYS A 319 16.66 35.66 4.92
CA LYS A 319 16.37 36.39 6.15
C LYS A 319 14.86 36.41 6.45
N ALA A 320 14.04 36.30 5.41
CA ALA A 320 12.59 36.29 5.57
C ALA A 320 12.09 34.93 6.04
N GLY A 321 12.90 33.90 5.87
CA GLY A 321 12.55 32.55 6.30
C GLY A 321 12.05 31.66 5.19
N THR A 322 12.12 32.15 3.96
CA THR A 322 11.67 31.37 2.81
C THR A 322 12.72 30.32 2.45
N PRO A 323 12.31 29.04 2.31
CA PRO A 323 13.28 28.03 1.87
C PRO A 323 13.53 28.14 0.37
N VAL A 324 14.33 29.14 0.00
CA VAL A 324 14.59 29.47 -1.41
C VAL A 324 15.18 28.26 -2.16
N ALA A 325 16.20 27.64 -1.58
CA ALA A 325 16.86 26.50 -2.19
C ALA A 325 15.88 25.37 -2.50
N GLY A 326 15.07 25.02 -1.51
CA GLY A 326 14.04 24.00 -1.67
C GLY A 326 13.10 24.32 -2.81
N LEU A 327 12.66 25.58 -2.84
CA LEU A 327 11.76 26.06 -3.89
C LEU A 327 12.40 25.92 -5.27
N ILE A 328 13.67 26.28 -5.37
CA ILE A 328 14.40 26.12 -6.64
C ILE A 328 14.55 24.65 -7.05
N ILE A 329 14.86 23.78 -6.08
CA ILE A 329 14.94 22.34 -6.32
C ILE A 329 13.62 21.80 -6.89
N VAL A 330 12.51 22.12 -6.22
CA VAL A 330 11.19 21.72 -6.70
C VAL A 330 10.96 22.23 -8.12
N GLY A 331 11.51 23.41 -8.41
CA GLY A 331 11.40 24.00 -9.73
C GLY A 331 12.10 23.16 -10.77
N ILE A 332 13.36 22.84 -10.52
CA ILE A 332 14.11 21.96 -11.42
C ILE A 332 13.36 20.63 -11.63
N LEU A 333 12.94 20.00 -10.54
CA LEU A 333 12.20 18.74 -10.65
C LEU A 333 10.94 18.85 -11.54
N MET A 334 10.10 19.85 -11.25
CA MET A 334 8.92 20.09 -12.05
C MET A 334 9.30 20.31 -13.51
N THR A 335 10.35 21.09 -13.75
CA THR A 335 10.84 21.31 -15.11
C THR A 335 11.15 19.99 -15.80
N ILE A 336 11.89 19.11 -15.12
CA ILE A 336 12.19 17.80 -15.71
C ILE A 336 10.92 17.03 -16.04
N PHE A 337 9.99 16.93 -15.10
CA PHE A 337 8.77 16.18 -15.39
C PHE A 337 7.86 16.85 -16.44
N GLN A 338 7.95 18.17 -16.56
CA GLN A 338 7.13 18.88 -17.55
C GLN A 338 7.43 18.46 -18.99
N LEU A 339 8.56 17.79 -19.20
CA LEU A 339 8.96 17.37 -20.55
C LEU A 339 8.04 16.32 -21.15
N SER A 340 7.09 15.83 -20.37
CA SER A 340 6.16 14.82 -20.84
C SER A 340 5.11 15.39 -21.80
N SER A 341 5.01 16.72 -21.84
CA SER A 341 3.98 17.37 -22.65
C SER A 341 4.45 17.72 -24.06
N ILE A 342 5.61 17.21 -24.44
CA ILE A 342 6.19 17.52 -25.76
C ILE A 342 5.59 16.66 -26.86
N SER A 343 4.91 15.59 -26.48
CA SER A 343 4.30 14.69 -27.46
C SER A 343 3.08 14.00 -26.88
N PRO A 344 2.08 13.69 -27.74
CA PRO A 344 0.94 12.87 -27.32
C PRO A 344 1.33 11.57 -26.61
N ASN A 345 2.27 10.83 -27.18
CA ASN A 345 2.72 9.57 -26.57
C ASN A 345 3.61 9.81 -25.35
N ALA A 346 4.10 11.05 -25.22
CA ALA A 346 4.94 11.41 -24.07
C ALA A 346 4.08 11.72 -22.84
N THR A 347 2.88 12.25 -23.07
CA THR A 347 1.95 12.56 -21.98
C THR A 347 1.27 11.29 -21.47
N LYS A 348 1.03 10.36 -22.37
CA LYS A 348 0.44 9.07 -22.02
C LYS A 348 1.34 8.35 -21.02
N GLU A 349 2.64 8.50 -21.22
CA GLU A 349 3.65 7.87 -20.38
C GLU A 349 3.62 8.41 -18.95
N PHE A 350 3.57 9.73 -18.81
CA PHE A 350 3.66 10.39 -17.51
C PHE A 350 2.42 10.21 -16.65
N GLY A 351 1.29 9.92 -17.28
CA GLY A 351 -0.01 9.89 -16.60
C GLY A 351 -0.07 9.09 -15.32
N LEU A 352 0.49 7.87 -15.36
CA LEU A 352 0.44 6.99 -14.20
C LEU A 352 1.10 7.65 -13.00
N VAL A 353 2.22 8.35 -13.26
CA VAL A 353 2.95 9.02 -12.20
C VAL A 353 2.04 10.06 -11.55
N SER A 354 1.39 10.86 -12.38
CA SER A 354 0.46 11.87 -11.89
C SER A 354 -0.60 11.23 -11.02
N SER A 355 -1.27 10.22 -11.56
CA SER A 355 -2.35 9.57 -10.80
C SER A 355 -1.86 8.89 -9.51
N VAL A 356 -0.64 8.34 -9.54
CA VAL A 356 -0.06 7.76 -8.33
C VAL A 356 0.22 8.85 -7.30
N SER A 357 0.78 9.96 -7.74
CA SER A 357 1.10 11.07 -6.85
C SER A 357 -0.14 11.62 -6.15
N VAL A 358 -1.31 11.37 -6.74
CA VAL A 358 -2.57 11.81 -6.15
C VAL A 358 -2.95 10.94 -4.96
N ILE A 359 -2.66 9.63 -5.06
CA ILE A 359 -2.98 8.69 -4.00
C ILE A 359 -2.06 8.90 -2.80
N PHE A 360 -0.85 9.41 -3.07
CA PHE A 360 0.10 9.72 -2.01
C PHE A 360 -0.53 10.57 -0.93
N THR A 361 -1.24 11.62 -1.34
CA THR A 361 -1.86 12.58 -0.43
C THR A 361 -2.71 11.95 0.67
N LEU A 362 -3.29 10.78 0.39
CA LEU A 362 -4.26 10.20 1.31
C LEU A 362 -3.60 9.57 2.53
N VAL A 363 -2.31 9.24 2.45
CA VAL A 363 -1.61 8.68 3.61
C VAL A 363 -1.45 9.76 4.69
N PRO A 364 -0.97 10.97 4.32
CA PRO A 364 -1.01 12.12 5.22
C PRO A 364 -2.39 12.34 5.86
N TYR A 365 -3.45 12.37 5.06
CA TYR A 365 -4.83 12.50 5.57
C TYR A 365 -5.10 11.47 6.66
N LEU A 366 -4.80 10.22 6.33
CA LEU A 366 -5.03 9.09 7.21
C LEU A 366 -4.28 9.27 8.52
N TYR A 367 -3.01 9.62 8.43
CA TYR A 367 -2.21 9.85 9.63
C TYR A 367 -2.70 11.05 10.42
N THR A 368 -3.18 12.08 9.74
CA THR A 368 -3.77 13.23 10.43
C THR A 368 -4.97 12.79 11.25
N CYS A 369 -5.87 12.05 10.59
CA CYS A 369 -7.03 11.47 11.26
C CYS A 369 -6.60 10.64 12.48
N ALA A 370 -5.63 9.76 12.29
CA ALA A 370 -5.10 8.98 13.39
C ALA A 370 -4.53 9.88 14.50
N ALA A 371 -3.81 10.91 14.07
CA ALA A 371 -3.08 11.77 14.99
C ALA A 371 -4.02 12.55 15.90
N LEU A 372 -5.13 13.06 15.34
CA LEU A 372 -6.10 13.76 16.17
C LEU A 372 -6.53 12.92 17.37
N LEU A 373 -6.93 11.68 17.13
CA LEU A 373 -7.36 10.78 18.18
C LEU A 373 -6.21 10.39 19.11
N LEU A 374 -5.08 10.02 18.54
CA LEU A 374 -3.95 9.54 19.35
C LEU A 374 -3.31 10.65 20.19
N LEU A 375 -3.35 11.89 19.71
CA LEU A 375 -2.72 13.01 20.42
C LEU A 375 -3.71 13.86 21.23
N GLY A 376 -4.93 14.00 20.73
CA GLY A 376 -5.87 14.97 21.27
C GLY A 376 -7.04 14.41 22.05
N HIS A 377 -6.94 13.17 22.51
CA HIS A 377 -8.04 12.55 23.25
C HIS A 377 -8.32 13.27 24.55
N GLY A 378 -7.31 13.95 25.08
CA GLY A 378 -7.44 14.65 26.35
C GLY A 378 -8.11 16.01 26.24
N HIS A 379 -8.28 16.50 25.00
CA HIS A 379 -8.89 17.81 24.79
C HIS A 379 -10.35 17.69 24.34
N PHE A 380 -10.78 16.47 24.02
CA PHE A 380 -12.13 16.27 23.55
C PHE A 380 -13.17 16.54 24.64
N GLY A 381 -12.78 16.31 25.90
CA GLY A 381 -13.74 16.37 26.99
C GLY A 381 -14.72 15.22 26.85
N LYS A 382 -16.00 15.48 27.10
CA LYS A 382 -17.04 14.47 26.89
C LYS A 382 -17.86 14.81 25.65
N ALA A 383 -17.21 15.50 24.72
CA ALA A 383 -17.68 15.57 23.34
C ALA A 383 -16.98 14.48 22.52
N ARG A 384 -16.28 13.60 23.22
CA ARG A 384 -15.50 12.52 22.61
C ARG A 384 -16.24 11.72 21.53
N PRO A 385 -17.50 11.32 21.79
CA PRO A 385 -18.23 10.60 20.74
C PRO A 385 -18.27 11.37 19.43
N ALA A 386 -18.50 12.67 19.51
CA ALA A 386 -18.53 13.54 18.33
C ALA A 386 -17.20 13.46 17.56
N TYR A 387 -16.10 13.70 18.26
CA TYR A 387 -14.77 13.64 17.66
C TYR A 387 -14.54 12.30 16.98
N LEU A 388 -14.81 11.22 17.72
CA LEU A 388 -14.63 9.88 17.18
C LEU A 388 -15.45 9.67 15.90
N ALA A 389 -16.71 10.09 15.94
CA ALA A 389 -17.59 9.98 14.78
C ALA A 389 -17.06 10.74 13.56
N VAL A 390 -16.78 12.03 13.75
CA VAL A 390 -16.29 12.86 12.66
C VAL A 390 -14.99 12.28 12.09
N THR A 391 -14.10 11.88 12.98
CA THR A 391 -12.82 11.30 12.56
C THR A 391 -13.02 9.99 11.79
N THR A 392 -13.96 9.17 12.27
CA THR A 392 -14.27 7.92 11.57
C THR A 392 -14.80 8.20 10.16
N ILE A 393 -15.69 9.18 10.03
CA ILE A 393 -16.13 9.62 8.71
C ILE A 393 -14.92 10.02 7.87
N ALA A 394 -14.04 10.85 8.44
CA ALA A 394 -12.82 11.24 7.74
C ALA A 394 -12.02 10.02 7.28
N PHE A 395 -11.85 9.02 8.14
CA PHE A 395 -11.19 7.78 7.74
C PHE A 395 -11.88 7.14 6.54
N LEU A 396 -13.20 7.00 6.63
CA LEU A 396 -13.99 6.43 5.54
C LEU A 396 -13.75 7.16 4.22
N TYR A 397 -13.72 8.49 4.26
CA TYR A 397 -13.42 9.28 3.07
C TYR A 397 -12.11 8.79 2.42
N CYS A 398 -11.03 8.78 3.20
CA CYS A 398 -9.72 8.35 2.72
C CYS A 398 -9.75 6.94 2.13
N ILE A 399 -10.29 6.00 2.90
CA ILE A 399 -10.30 4.62 2.46
C ILE A 399 -11.14 4.44 1.19
N TRP A 400 -12.33 5.04 1.18
CA TRP A 400 -13.25 4.89 0.06
C TRP A 400 -12.68 5.51 -1.21
N ALA A 401 -11.98 6.63 -1.06
CA ALA A 401 -11.27 7.23 -2.19
C ALA A 401 -10.37 6.19 -2.88
N VAL A 402 -9.58 5.48 -2.08
CA VAL A 402 -8.65 4.47 -2.59
C VAL A 402 -9.37 3.25 -3.14
N VAL A 403 -10.37 2.76 -2.42
CA VAL A 403 -11.14 1.59 -2.86
C VAL A 403 -11.66 1.74 -4.28
N GLY A 404 -11.93 2.98 -4.70
CA GLY A 404 -12.50 3.24 -6.01
C GLY A 404 -11.50 3.68 -7.07
N SER A 405 -10.20 3.61 -6.75
CA SER A 405 -9.15 4.02 -7.67
C SER A 405 -8.70 2.86 -8.54
N GLY A 406 -7.82 3.15 -9.49
CA GLY A 406 -7.26 2.13 -10.35
C GLY A 406 -6.28 1.26 -9.61
N ALA A 407 -6.33 -0.05 -9.87
CA ALA A 407 -5.48 -1.00 -9.17
C ALA A 407 -3.99 -0.68 -9.37
N LYS A 408 -3.64 -0.27 -10.58
CA LYS A 408 -2.25 0.00 -10.94
C LYS A 408 -1.67 1.15 -10.10
N GLU A 409 -2.40 2.25 -10.07
CA GLU A 409 -1.98 3.45 -9.34
C GLU A 409 -1.73 3.11 -7.87
N VAL A 410 -2.71 2.46 -7.27
CA VAL A 410 -2.64 2.07 -5.87
C VAL A 410 -1.49 1.09 -5.66
N MET A 411 -1.33 0.15 -6.58
CA MET A 411 -0.22 -0.80 -6.50
C MET A 411 1.10 -0.06 -6.40
N TRP A 412 1.29 0.90 -7.30
CA TRP A 412 2.54 1.65 -7.31
C TRP A 412 2.70 2.55 -6.09
N SER A 413 1.60 3.09 -5.58
CA SER A 413 1.64 3.74 -4.28
C SER A 413 2.18 2.78 -3.20
N PHE A 414 1.62 1.57 -3.19
CA PHE A 414 2.06 0.54 -2.26
C PHE A 414 3.56 0.26 -2.42
N VAL A 415 4.02 0.14 -3.66
CA VAL A 415 5.45 0.01 -3.93
C VAL A 415 6.24 1.19 -3.34
N THR A 416 5.74 2.40 -3.59
CA THR A 416 6.40 3.61 -3.09
C THR A 416 6.60 3.55 -1.58
N LEU A 417 5.56 3.15 -0.85
CA LEU A 417 5.70 2.98 0.61
C LEU A 417 6.91 2.11 0.99
N MET A 418 7.02 0.94 0.37
CA MET A 418 8.12 0.02 0.64
C MET A 418 9.47 0.67 0.32
N VAL A 419 9.54 1.30 -0.85
CA VAL A 419 10.77 1.98 -1.25
C VAL A 419 11.16 3.05 -0.23
N ILE A 420 10.19 3.84 0.22
CA ILE A 420 10.44 4.86 1.24
C ILE A 420 10.96 4.21 2.52
N THR A 421 10.34 3.10 2.91
CA THR A 421 10.81 2.36 4.08
C THR A 421 12.30 1.98 3.97
N ALA A 422 12.64 1.31 2.86
CA ALA A 422 14.03 0.93 2.64
C ALA A 422 14.97 2.14 2.64
N MET A 423 14.52 3.23 1.99
CA MET A 423 15.27 4.48 1.98
C MET A 423 15.57 4.95 3.40
N TYR A 424 14.53 5.08 4.22
CA TYR A 424 14.71 5.51 5.60
C TYR A 424 15.69 4.60 6.33
N ALA A 425 15.49 3.29 6.20
CA ALA A 425 16.37 2.34 6.86
C ALA A 425 17.83 2.55 6.46
N LEU A 426 18.09 2.63 5.15
CA LEU A 426 19.47 2.74 4.69
C LEU A 426 20.10 4.12 4.92
N ASN A 427 19.27 5.17 4.96
CA ASN A 427 19.79 6.53 5.16
C ASN A 427 19.90 6.94 6.62
N TYR A 428 19.03 6.41 7.48
CA TYR A 428 18.96 6.86 8.87
C TYR A 428 19.36 5.82 9.93
N ASN A 429 19.95 4.70 9.49
CA ASN A 429 20.42 3.73 10.47
C ASN A 429 21.61 4.30 11.23
N ARG A 430 21.60 4.11 12.54
CA ARG A 430 22.63 4.63 13.46
C ARG A 430 22.51 6.15 13.66
N LEU A 431 21.52 6.76 13.00
CA LEU A 431 21.07 8.10 13.36
C LEU A 431 19.70 7.99 14.04
N HIS A 432 18.96 6.97 13.64
CA HIS A 432 17.60 6.74 14.12
C HIS A 432 17.55 6.25 15.56
N LYS A 433 16.64 6.80 16.34
CA LYS A 433 16.46 6.40 17.73
C LYS A 433 15.38 5.33 17.82
N ASN A 434 15.73 4.19 18.39
CA ASN A 434 14.81 3.08 18.51
C ASN A 434 13.95 3.15 19.78
N PRO A 435 12.63 2.96 19.64
CA PRO A 435 11.73 2.93 20.81
C PRO A 435 12.16 1.92 21.87
N TYR A 436 12.54 0.72 21.44
CA TYR A 436 12.98 -0.33 22.34
C TYR A 436 14.30 -0.91 21.87
N PRO A 437 15.40 -0.20 22.11
CA PRO A 437 16.69 -0.65 21.55
C PRO A 437 17.20 -1.92 22.21
N LEU A 438 18.13 -2.58 21.54
CA LEU A 438 18.87 -3.69 22.13
C LEU A 438 19.80 -3.13 23.19
N ASP A 439 20.47 -4.00 23.94
CA ASP A 439 21.45 -3.53 24.92
C ASP A 439 22.75 -3.17 24.22
N ALA A 440 23.70 -2.62 24.98
CA ALA A 440 24.97 -2.16 24.42
C ALA A 440 25.68 -3.31 23.69
N PRO A 441 26.17 -3.05 22.46
CA PRO A 441 26.88 -4.06 21.66
C PRO A 441 27.80 -4.99 22.45
N ASP B 6 13.60 -25.76 29.07
CA ASP B 6 14.11 -26.58 27.97
C ASP B 6 13.41 -27.93 27.91
N ALA B 7 12.27 -28.03 28.57
CA ALA B 7 11.49 -29.26 28.57
C ALA B 7 10.39 -29.19 27.52
N HIS B 8 9.68 -28.07 27.49
CA HIS B 8 8.60 -27.87 26.53
C HIS B 8 9.11 -27.31 25.21
N LYS B 9 10.41 -27.05 25.14
CA LYS B 9 11.00 -26.36 23.99
C LYS B 9 11.45 -27.33 22.91
N VAL B 10 11.56 -26.82 21.69
CA VAL B 10 11.82 -27.63 20.51
C VAL B 10 13.29 -27.58 20.12
N GLY B 11 13.83 -28.73 19.70
CA GLY B 11 15.22 -28.84 19.32
C GLY B 11 15.48 -28.36 17.91
N LEU B 12 16.77 -28.32 17.54
CA LEU B 12 17.19 -27.77 16.26
C LEU B 12 16.59 -28.49 15.04
N ILE B 13 16.55 -29.82 15.08
CA ILE B 13 16.11 -30.60 13.92
C ILE B 13 14.64 -30.30 13.57
N PRO B 14 13.71 -30.49 14.52
CA PRO B 14 12.32 -30.17 14.16
C PRO B 14 12.11 -28.73 13.67
N VAL B 15 12.81 -27.77 14.27
CA VAL B 15 12.68 -26.37 13.87
C VAL B 15 13.15 -26.19 12.43
N THR B 16 14.33 -26.70 12.11
CA THR B 16 14.84 -26.61 10.75
C THR B 16 13.86 -27.24 9.77
N LEU B 17 13.37 -28.42 10.13
CA LEU B 17 12.37 -29.09 9.30
C LEU B 17 11.07 -28.30 9.23
N MET B 18 10.76 -27.53 10.29
CA MET B 18 9.60 -26.66 10.25
C MET B 18 9.82 -25.53 9.25
N VAL B 19 11.00 -24.92 9.27
CA VAL B 19 11.29 -23.86 8.29
C VAL B 19 11.20 -24.42 6.86
N SER B 20 11.98 -25.45 6.58
CA SER B 20 11.98 -26.02 5.22
C SER B 20 10.59 -26.54 4.84
N GLY B 21 9.90 -27.14 5.81
CA GLY B 21 8.57 -27.67 5.58
C GLY B 21 7.56 -26.57 5.32
N ASN B 22 7.68 -25.47 6.06
CA ASN B 22 6.80 -24.34 5.89
C ASN B 22 7.06 -23.68 4.54
N ILE B 23 8.28 -23.72 4.08
CA ILE B 23 8.57 -23.20 2.78
C ILE B 23 8.17 -24.07 1.64
N MET B 24 8.58 -25.32 1.69
CA MET B 24 8.31 -26.25 0.63
C MET B 24 6.87 -26.57 0.50
N GLY B 25 6.21 -26.80 1.62
CA GLY B 25 4.78 -26.90 1.68
C GLY B 25 4.19 -27.67 0.58
N SER B 26 3.29 -26.97 -0.07
CA SER B 26 2.64 -27.50 -1.24
C SER B 26 3.23 -27.21 -2.58
N GLY B 27 3.69 -26.01 -2.78
CA GLY B 27 4.14 -25.58 -4.11
C GLY B 27 5.28 -26.35 -4.73
N VAL B 28 6.12 -26.98 -3.92
CA VAL B 28 7.31 -27.67 -4.43
C VAL B 28 6.96 -28.68 -5.52
N PHE B 29 5.77 -29.28 -5.41
CA PHE B 29 5.33 -30.31 -6.34
C PHE B 29 4.61 -29.74 -7.57
N LEU B 30 4.29 -28.46 -7.52
CA LEU B 30 3.52 -27.80 -8.58
C LEU B 30 4.38 -26.84 -9.39
N LEU B 31 5.50 -26.44 -8.81
CA LEU B 31 6.41 -25.49 -9.44
C LEU B 31 6.74 -25.79 -10.90
N PRO B 32 7.14 -27.04 -11.21
CA PRO B 32 7.51 -27.32 -12.60
C PRO B 32 6.38 -27.02 -13.60
N ALA B 33 5.14 -27.29 -13.20
CA ALA B 33 4.00 -26.99 -14.06
C ALA B 33 3.86 -25.49 -14.30
N ASN B 34 3.97 -24.70 -13.23
CA ASN B 34 3.84 -23.26 -13.35
C ASN B 34 5.02 -22.67 -14.13
N LEU B 35 6.19 -23.28 -13.97
CA LEU B 35 7.37 -22.83 -14.68
C LEU B 35 7.39 -23.31 -16.11
N ALA B 36 6.72 -24.44 -16.37
CA ALA B 36 6.65 -25.00 -17.71
C ALA B 36 6.11 -24.00 -18.73
N SER B 37 5.16 -23.16 -18.31
CA SER B 37 4.61 -22.14 -19.20
C SER B 37 5.69 -21.18 -19.66
N THR B 38 6.71 -21.01 -18.83
CA THR B 38 7.86 -20.17 -19.18
C THR B 38 8.96 -21.02 -19.83
N GLY B 39 9.39 -22.07 -19.13
CA GLY B 39 10.32 -23.05 -19.68
C GLY B 39 11.62 -23.19 -18.88
N GLY B 40 12.59 -23.77 -19.54
CA GLY B 40 13.86 -24.06 -18.96
C GLY B 40 14.60 -22.86 -18.53
N ILE B 41 14.30 -21.74 -19.13
CA ILE B 41 14.96 -20.53 -18.79
C ILE B 41 14.67 -20.12 -17.37
N ALA B 42 13.77 -20.82 -16.74
CA ALA B 42 13.41 -20.56 -15.38
C ALA B 42 14.61 -20.65 -14.49
N ILE B 43 15.65 -21.30 -14.97
CA ILE B 43 16.83 -21.47 -14.18
C ILE B 43 17.38 -20.14 -13.78
N TYR B 44 17.32 -19.15 -14.64
CA TYR B 44 17.81 -17.83 -14.28
C TYR B 44 17.00 -17.21 -13.18
N GLY B 45 15.70 -17.36 -13.22
CA GLY B 45 14.86 -16.84 -12.18
C GLY B 45 15.16 -17.50 -10.88
N TRP B 46 15.32 -18.81 -10.90
CA TRP B 46 15.69 -19.54 -9.70
C TRP B 46 16.94 -18.94 -9.06
N LEU B 47 17.91 -18.61 -9.89
CA LEU B 47 19.16 -18.01 -9.44
C LEU B 47 18.89 -16.70 -8.71
N VAL B 48 18.16 -15.81 -9.38
CA VAL B 48 17.83 -14.50 -8.82
C VAL B 48 17.05 -14.66 -7.53
N THR B 49 16.08 -15.57 -7.54
CA THR B 49 15.23 -15.83 -6.39
C THR B 49 16.01 -16.30 -5.17
N ILE B 50 16.90 -17.26 -5.38
CA ILE B 50 17.62 -17.91 -4.30
C ILE B 50 18.65 -16.99 -3.64
N ILE B 51 19.23 -16.10 -4.41
CA ILE B 51 20.18 -15.12 -3.89
C ILE B 51 19.44 -14.15 -2.97
N GLY B 52 18.28 -13.66 -3.42
CA GLY B 52 17.46 -12.77 -2.62
C GLY B 52 16.92 -13.46 -1.39
N ALA B 53 16.49 -14.71 -1.56
CA ALA B 53 15.90 -15.47 -0.46
C ALA B 53 16.93 -15.78 0.62
N LEU B 54 18.15 -16.09 0.22
CA LEU B 54 19.25 -16.30 1.18
C LEU B 54 19.53 -15.02 1.92
N GLY B 55 19.53 -13.91 1.17
CA GLY B 55 19.71 -12.59 1.74
C GLY B 55 18.70 -12.38 2.86
N LEU B 56 17.43 -12.63 2.54
CA LEU B 56 16.35 -12.45 3.49
C LEU B 56 16.52 -13.32 4.73
N SER B 57 16.93 -14.56 4.53
CA SER B 57 17.11 -15.50 5.63
C SER B 57 18.28 -15.09 6.53
N MET B 58 19.36 -14.63 5.92
CA MET B 58 20.51 -14.15 6.67
C MET B 58 20.11 -12.95 7.53
N VAL B 59 19.35 -12.04 6.93
CA VAL B 59 18.79 -10.91 7.65
C VAL B 59 18.02 -11.40 8.87
N TYR B 60 17.15 -12.40 8.64
CA TYR B 60 16.37 -12.98 9.72
C TYR B 60 17.28 -13.73 10.69
N ALA B 61 18.30 -14.38 10.15
CA ALA B 61 19.25 -15.13 10.98
C ALA B 61 19.96 -14.18 11.95
N LYS B 62 20.54 -13.12 11.41
CA LYS B 62 21.27 -12.15 12.21
C LYS B 62 20.38 -11.44 13.22
N MET B 63 19.16 -11.11 12.79
CA MET B 63 18.24 -10.35 13.61
C MET B 63 17.73 -11.17 14.79
N SER B 64 17.50 -12.46 14.55
CA SER B 64 17.05 -13.37 15.60
C SER B 64 18.17 -13.60 16.61
N PHE B 65 19.41 -13.58 16.11
CA PHE B 65 20.58 -13.71 16.97
C PHE B 65 20.71 -12.54 17.94
N LEU B 66 20.57 -11.32 17.43
CA LEU B 66 20.70 -10.12 18.25
C LEU B 66 19.53 -9.97 19.22
N ASP B 67 18.39 -10.53 18.83
CA ASP B 67 17.16 -10.43 19.62
C ASP B 67 16.23 -11.60 19.32
N PRO B 68 16.43 -12.74 20.00
CA PRO B 68 15.56 -13.89 19.77
C PRO B 68 14.20 -13.71 20.47
N SER B 69 13.48 -12.66 20.11
CA SER B 69 12.18 -12.39 20.70
C SER B 69 11.10 -13.24 20.06
N PRO B 70 10.10 -13.66 20.85
CA PRO B 70 8.90 -14.34 20.31
C PRO B 70 8.14 -13.45 19.32
N GLY B 71 7.63 -14.01 18.26
CA GLY B 71 6.88 -13.23 17.33
C GLY B 71 7.62 -12.75 16.15
N GLY B 72 8.92 -12.85 16.21
CA GLY B 72 9.72 -12.49 15.10
C GLY B 72 9.62 -11.10 14.62
N SER B 73 9.15 -10.98 13.41
CA SER B 73 9.06 -9.72 12.73
C SER B 73 8.26 -8.79 13.55
N TYR B 74 7.24 -9.29 14.16
CA TYR B 74 6.42 -8.43 15.01
C TYR B 74 7.27 -7.73 16.06
N ALA B 75 8.19 -8.48 16.67
CA ALA B 75 8.98 -7.96 17.77
C ALA B 75 10.02 -6.97 17.24
N TYR B 76 10.67 -7.36 16.14
CA TYR B 76 11.68 -6.52 15.51
C TYR B 76 11.10 -5.18 15.08
N ALA B 77 9.90 -5.23 14.50
CA ALA B 77 9.25 -4.02 14.01
C ALA B 77 8.82 -3.11 15.15
N ARG B 78 8.27 -3.72 16.21
CA ARG B 78 7.87 -2.97 17.40
C ARG B 78 9.06 -2.27 18.01
N ARG B 79 10.21 -2.94 17.97
CA ARG B 79 11.44 -2.42 18.56
C ARG B 79 11.90 -1.12 17.90
N CYS B 80 11.91 -1.12 16.58
CA CYS B 80 12.55 -0.05 15.84
C CYS B 80 11.57 1.06 15.41
N PHE B 81 10.28 0.74 15.29
CA PHE B 81 9.29 1.72 14.82
C PHE B 81 8.19 2.03 15.85
N GLY B 82 8.03 1.16 16.84
CA GLY B 82 7.06 1.38 17.90
C GLY B 82 5.77 0.59 17.72
N PRO B 83 4.82 0.74 18.67
CA PRO B 83 3.59 -0.05 18.79
C PRO B 83 2.69 -0.07 17.55
N PHE B 84 2.59 1.04 16.83
CA PHE B 84 1.70 1.10 15.67
C PHE B 84 2.11 0.07 14.60
N LEU B 85 3.37 0.11 14.21
CA LEU B 85 3.85 -0.77 13.15
C LEU B 85 4.02 -2.21 13.65
N GLY B 86 4.13 -2.38 14.96
CA GLY B 86 4.14 -3.71 15.54
C GLY B 86 2.74 -4.32 15.42
N TYR B 87 1.76 -3.55 15.88
CA TYR B 87 0.34 -3.89 15.73
C TYR B 87 0.05 -4.27 14.27
N GLN B 88 0.46 -3.39 13.36
CA GLN B 88 0.28 -3.62 11.93
C GLN B 88 0.93 -4.93 11.48
N THR B 89 2.20 -5.10 11.82
CA THR B 89 2.93 -6.32 11.46
C THR B 89 2.17 -7.55 11.91
N ASN B 90 1.78 -7.59 13.19
CA ASN B 90 1.10 -8.78 13.69
C ASN B 90 -0.23 -9.02 13.02
N VAL B 91 -1.04 -8.00 12.85
CA VAL B 91 -2.31 -8.18 12.15
C VAL B 91 -2.04 -8.80 10.76
N LEU B 92 -1.17 -8.16 9.98
CA LEU B 92 -0.87 -8.66 8.63
C LEU B 92 -0.36 -10.10 8.63
N TYR B 93 0.67 -10.36 9.41
CA TYR B 93 1.29 -11.68 9.42
C TYR B 93 0.34 -12.75 9.93
N TRP B 94 -0.40 -12.42 10.98
CA TRP B 94 -1.40 -13.33 11.54
C TRP B 94 -2.44 -13.73 10.49
N LEU B 95 -3.02 -12.70 9.86
CA LEU B 95 -3.95 -12.93 8.76
C LEU B 95 -3.32 -13.81 7.68
N ALA B 96 -2.11 -13.46 7.29
CA ALA B 96 -1.35 -14.25 6.32
C ALA B 96 -1.33 -15.71 6.76
N CYS B 97 -0.90 -15.91 7.99
CA CYS B 97 -0.71 -17.24 8.56
C CYS B 97 -1.98 -18.06 8.42
N TRP B 98 -3.09 -17.63 9.01
CA TRP B 98 -4.24 -18.54 8.99
C TRP B 98 -5.10 -18.47 7.72
N ILE B 99 -5.10 -17.36 7.00
CA ILE B 99 -5.80 -17.33 5.72
C ILE B 99 -5.09 -18.24 4.73
N GLY B 100 -3.76 -18.24 4.77
CA GLY B 100 -3.00 -19.09 3.87
C GLY B 100 -3.26 -20.58 3.99
N ASN B 101 -3.86 -21.01 5.10
CA ASN B 101 -4.02 -22.45 5.38
C ASN B 101 -5.14 -23.12 4.57
N ILE B 102 -6.10 -22.31 4.12
CA ILE B 102 -7.24 -22.84 3.36
C ILE B 102 -6.72 -23.47 2.07
N ALA B 103 -5.96 -22.68 1.32
CA ALA B 103 -5.34 -23.15 0.08
C ALA B 103 -4.52 -24.41 0.34
N MET B 104 -3.76 -24.40 1.42
CA MET B 104 -2.87 -25.50 1.73
C MET B 104 -3.64 -26.78 2.01
N VAL B 105 -4.63 -26.72 2.90
CA VAL B 105 -5.39 -27.92 3.21
C VAL B 105 -6.16 -28.39 1.98
N VAL B 106 -6.66 -27.46 1.17
CA VAL B 106 -7.33 -27.86 -0.06
C VAL B 106 -6.36 -28.63 -0.98
N ILE B 107 -5.21 -28.04 -1.28
CA ILE B 107 -4.18 -28.70 -2.09
C ILE B 107 -3.84 -30.07 -1.51
N GLY B 108 -3.60 -30.08 -0.20
CA GLY B 108 -3.13 -31.28 0.49
C GLY B 108 -4.14 -32.40 0.47
N VAL B 109 -5.40 -32.08 0.75
CA VAL B 109 -6.47 -33.07 0.67
C VAL B 109 -6.67 -33.46 -0.79
N GLY B 110 -6.36 -32.53 -1.70
CA GLY B 110 -6.31 -32.81 -3.12
C GLY B 110 -5.49 -34.04 -3.48
N TYR B 111 -4.21 -34.04 -3.12
CA TYR B 111 -3.31 -35.16 -3.43
C TYR B 111 -3.86 -36.50 -2.94
N LEU B 112 -4.64 -36.45 -1.86
CA LEU B 112 -5.20 -37.67 -1.29
C LEU B 112 -6.41 -38.17 -2.08
N SER B 113 -6.85 -37.40 -3.07
CA SER B 113 -7.94 -37.86 -3.93
C SER B 113 -7.41 -38.90 -4.92
N TYR B 114 -6.10 -39.11 -4.93
CA TYR B 114 -5.50 -40.19 -5.72
C TYR B 114 -5.96 -41.53 -5.17
N PHE B 115 -6.13 -41.58 -3.85
CA PHE B 115 -6.59 -42.79 -3.17
C PHE B 115 -8.12 -42.82 -3.05
N PHE B 116 -8.71 -41.65 -2.89
CA PHE B 116 -10.14 -41.52 -2.60
C PHE B 116 -10.80 -40.44 -3.47
N PRO B 117 -11.35 -40.84 -4.62
CA PRO B 117 -11.84 -39.86 -5.61
C PRO B 117 -12.95 -38.95 -5.06
N ILE B 118 -13.73 -39.47 -4.12
CA ILE B 118 -14.85 -38.72 -3.51
C ILE B 118 -14.40 -37.35 -3.01
N LEU B 119 -13.10 -37.22 -2.75
CA LEU B 119 -12.55 -35.97 -2.23
C LEU B 119 -12.61 -34.84 -3.25
N LYS B 120 -13.08 -35.12 -4.47
CA LYS B 120 -13.31 -34.03 -5.41
C LYS B 120 -14.79 -33.64 -5.48
N ASP B 121 -15.65 -34.37 -4.77
CA ASP B 121 -16.98 -33.85 -4.48
C ASP B 121 -16.76 -32.65 -3.57
N PRO B 122 -17.01 -31.43 -4.06
CA PRO B 122 -16.59 -30.24 -3.30
C PRO B 122 -17.15 -30.17 -1.88
N LEU B 123 -18.35 -30.73 -1.68
CA LEU B 123 -18.95 -30.81 -0.36
C LEU B 123 -18.04 -31.63 0.57
N VAL B 124 -17.80 -32.88 0.16
CA VAL B 124 -16.96 -33.81 0.89
C VAL B 124 -15.59 -33.17 1.14
N LEU B 125 -15.07 -32.50 0.11
CA LEU B 125 -13.81 -31.80 0.21
C LEU B 125 -13.82 -30.81 1.36
N THR B 126 -14.80 -29.90 1.33
CA THR B 126 -14.97 -28.90 2.39
C THR B 126 -14.98 -29.55 3.77
N ILE B 127 -15.89 -30.49 3.98
CA ILE B 127 -16.01 -31.16 5.28
C ILE B 127 -14.65 -31.71 5.72
N THR B 128 -14.02 -32.48 4.82
CA THR B 128 -12.72 -33.09 5.09
C THR B 128 -11.70 -32.04 5.53
N CYS B 129 -11.62 -30.96 4.76
CA CYS B 129 -10.67 -29.88 5.04
C CYS B 129 -10.90 -29.27 6.42
N VAL B 130 -12.14 -28.95 6.75
CA VAL B 130 -12.47 -28.45 8.08
C VAL B 130 -11.94 -29.41 9.15
N VAL B 131 -12.27 -30.68 9.02
CA VAL B 131 -11.79 -31.68 9.97
C VAL B 131 -10.26 -31.65 10.11
N VAL B 132 -9.54 -31.69 9.00
CA VAL B 132 -8.08 -31.69 9.04
C VAL B 132 -7.52 -30.42 9.73
N LEU B 133 -8.07 -29.27 9.35
CA LEU B 133 -7.72 -28.02 10.02
C LEU B 133 -7.84 -28.18 11.52
N TRP B 134 -9.00 -28.67 11.98
CA TRP B 134 -9.16 -28.86 13.42
C TRP B 134 -8.20 -29.89 13.99
N ILE B 135 -7.91 -30.97 13.26
CA ILE B 135 -6.89 -31.92 13.70
C ILE B 135 -5.62 -31.17 14.08
N PHE B 136 -5.15 -30.32 13.17
CA PHE B 136 -3.89 -29.60 13.44
C PHE B 136 -4.02 -28.48 14.49
N VAL B 137 -5.18 -27.83 14.58
CA VAL B 137 -5.43 -26.95 15.73
C VAL B 137 -5.24 -27.73 17.03
N LEU B 138 -5.84 -28.90 17.10
CA LEU B 138 -5.78 -29.72 18.30
C LEU B 138 -4.35 -30.18 18.59
N LEU B 139 -3.63 -30.60 17.57
CA LEU B 139 -2.23 -30.97 17.76
C LEU B 139 -1.40 -29.77 18.26
N ASN B 140 -1.68 -28.58 17.74
CA ASN B 140 -1.05 -27.39 18.29
C ASN B 140 -1.42 -27.15 19.75
N ILE B 141 -2.68 -27.42 20.10
CA ILE B 141 -3.09 -27.35 21.51
C ILE B 141 -2.33 -28.36 22.37
N VAL B 142 -2.16 -29.59 21.87
CA VAL B 142 -1.39 -30.60 22.60
C VAL B 142 0.02 -30.10 22.95
N GLY B 143 0.63 -29.32 22.06
CA GLY B 143 1.88 -28.64 22.36
C GLY B 143 2.82 -28.53 21.17
N PRO B 144 3.78 -27.59 21.24
CA PRO B 144 4.72 -27.38 20.12
C PRO B 144 5.64 -28.56 19.84
N LYS B 145 6.08 -29.29 20.87
CA LYS B 145 6.94 -30.44 20.64
C LYS B 145 6.19 -31.43 19.76
N MET B 146 4.92 -31.67 20.11
CA MET B 146 4.05 -32.55 19.34
C MET B 146 3.94 -32.09 17.88
N ILE B 147 3.53 -30.83 17.70
CA ILE B 147 3.26 -30.33 16.35
C ILE B 147 4.53 -30.37 15.50
N THR B 148 5.66 -29.97 16.07
CA THR B 148 6.90 -29.92 15.31
C THR B 148 7.44 -31.33 15.05
N ARG B 149 7.17 -32.27 15.96
CA ARG B 149 7.50 -33.68 15.71
C ARG B 149 6.72 -34.19 14.50
N VAL B 150 5.40 -34.05 14.58
CA VAL B 150 4.51 -34.47 13.50
C VAL B 150 4.96 -33.86 12.17
N GLN B 151 5.19 -32.54 12.17
CA GLN B 151 5.62 -31.87 10.95
C GLN B 151 7.01 -32.33 10.50
N ALA B 152 7.91 -32.59 11.44
CA ALA B 152 9.22 -33.13 11.10
C ALA B 152 9.05 -34.39 10.27
N VAL B 153 8.28 -35.34 10.81
CA VAL B 153 8.02 -36.57 10.08
C VAL B 153 7.39 -36.31 8.71
N ALA B 154 6.31 -35.53 8.71
CA ALA B 154 5.65 -35.16 7.47
C ALA B 154 6.64 -34.60 6.44
N THR B 155 7.55 -33.76 6.92
CA THR B 155 8.54 -33.12 6.06
C THR B 155 9.54 -34.13 5.52
N VAL B 156 10.01 -35.04 6.37
CA VAL B 156 10.92 -36.08 5.87
C VAL B 156 10.22 -36.95 4.84
N LEU B 157 8.95 -37.28 5.08
CA LEU B 157 8.19 -38.05 4.08
C LEU B 157 8.08 -37.29 2.77
N ALA B 158 7.68 -36.02 2.83
CA ALA B 158 7.53 -35.21 1.63
C ALA B 158 8.83 -35.09 0.82
N LEU B 159 9.96 -35.36 1.46
CA LEU B 159 11.26 -35.25 0.80
C LEU B 159 11.59 -36.46 -0.05
N ILE B 160 11.01 -37.60 0.29
CA ILE B 160 11.24 -38.87 -0.42
C ILE B 160 11.17 -38.68 -1.94
N PRO B 161 10.03 -38.19 -2.46
CA PRO B 161 9.99 -37.96 -3.91
C PRO B 161 10.98 -36.92 -4.39
N ILE B 162 10.94 -35.73 -3.79
CA ILE B 162 11.82 -34.63 -4.18
C ILE B 162 13.28 -35.09 -4.29
N VAL B 163 13.75 -35.75 -3.27
CA VAL B 163 15.10 -36.24 -3.31
C VAL B 163 15.35 -37.32 -4.34
N GLY B 164 14.46 -38.28 -4.39
CA GLY B 164 14.66 -39.40 -5.24
C GLY B 164 14.80 -38.93 -6.62
N ILE B 165 13.95 -38.04 -7.03
CA ILE B 165 14.01 -37.57 -8.37
C ILE B 165 15.30 -36.87 -8.64
N ALA B 166 15.74 -36.04 -7.72
CA ALA B 166 16.95 -35.32 -7.98
C ALA B 166 18.05 -36.32 -8.13
N VAL B 167 18.13 -37.27 -7.23
CA VAL B 167 19.19 -38.22 -7.33
C VAL B 167 19.10 -39.28 -8.42
N PHE B 168 18.01 -40.01 -8.56
CA PHE B 168 17.97 -41.06 -9.56
C PHE B 168 17.49 -40.55 -10.92
N GLY B 169 16.75 -39.45 -10.92
CA GLY B 169 16.17 -38.95 -12.16
C GLY B 169 17.16 -38.33 -13.12
N TRP B 170 18.34 -37.95 -12.63
CA TRP B 170 19.39 -37.45 -13.52
C TRP B 170 19.87 -38.56 -14.47
N PHE B 171 19.42 -39.79 -14.22
CA PHE B 171 19.75 -40.93 -15.09
C PHE B 171 18.80 -40.95 -16.28
N TRP B 172 17.66 -40.28 -16.13
CA TRP B 172 16.69 -40.15 -17.21
C TRP B 172 16.65 -38.72 -17.75
N PHE B 173 17.53 -37.87 -17.25
CA PHE B 173 17.56 -36.46 -17.67
C PHE B 173 18.18 -36.31 -19.05
N ARG B 174 17.46 -35.64 -19.94
CA ARG B 174 17.96 -35.33 -21.28
C ARG B 174 18.01 -33.83 -21.49
N GLY B 175 19.21 -33.29 -21.65
CA GLY B 175 19.39 -31.88 -21.90
C GLY B 175 18.75 -31.43 -23.19
N GLU B 176 18.70 -32.35 -24.16
CA GLU B 176 18.02 -32.06 -25.43
C GLU B 176 16.54 -31.81 -25.18
N THR B 177 16.01 -32.37 -24.10
CA THR B 177 14.62 -32.15 -23.72
C THR B 177 14.47 -30.84 -22.96
N TYR B 178 15.40 -30.56 -22.06
CA TYR B 178 15.37 -29.32 -21.30
C TYR B 178 15.50 -28.11 -22.21
N MET B 179 16.44 -28.19 -23.14
CA MET B 179 16.71 -27.08 -24.05
C MET B 179 15.69 -26.98 -25.18
N ALA B 180 14.95 -28.06 -25.41
CA ALA B 180 13.86 -28.03 -26.38
C ALA B 180 12.84 -26.97 -26.00
N ALA B 181 12.71 -26.73 -24.70
CA ALA B 181 11.75 -25.76 -24.17
C ALA B 181 12.45 -24.72 -23.28
N TRP B 182 13.58 -24.20 -23.77
CA TRP B 182 14.33 -23.19 -23.03
C TRP B 182 13.48 -21.96 -22.77
N ASN B 183 12.89 -21.40 -23.82
CA ASN B 183 11.99 -20.25 -23.70
C ASN B 183 10.72 -20.44 -24.52
N VAL B 184 9.72 -21.05 -23.92
CA VAL B 184 8.42 -21.27 -24.55
C VAL B 184 7.46 -20.14 -24.20
N SER B 185 7.97 -19.07 -23.62
CA SER B 185 7.13 -18.02 -23.06
C SER B 185 6.67 -17.00 -24.10
N GLY B 186 7.35 -16.96 -25.25
CA GLY B 186 7.02 -16.00 -26.29
C GLY B 186 7.60 -14.61 -26.03
N LEU B 187 8.30 -14.48 -24.91
CA LEU B 187 8.87 -13.20 -24.51
C LEU B 187 10.37 -13.19 -24.72
N GLY B 188 10.96 -12.00 -24.63
CA GLY B 188 12.41 -11.88 -24.58
C GLY B 188 12.93 -12.47 -23.28
N THR B 189 14.24 -12.43 -23.10
CA THR B 189 14.87 -13.07 -21.95
C THR B 189 14.36 -12.49 -20.62
N PHE B 190 14.32 -11.17 -20.50
CA PHE B 190 13.92 -10.53 -19.24
C PHE B 190 12.49 -10.90 -18.85
N GLY B 191 11.57 -10.75 -19.78
CA GLY B 191 10.16 -11.05 -19.53
C GLY B 191 9.96 -12.49 -19.10
N ALA B 192 10.65 -13.41 -19.78
CA ALA B 192 10.66 -14.81 -19.40
C ALA B 192 11.10 -14.94 -17.94
N ILE B 193 12.25 -14.37 -17.63
CA ILE B 193 12.79 -14.37 -16.27
C ILE B 193 11.77 -13.77 -15.28
N GLN B 194 11.09 -12.71 -15.68
CA GLN B 194 10.11 -12.07 -14.80
C GLN B 194 8.93 -13.00 -14.52
N SER B 195 8.39 -13.59 -15.58
CA SER B 195 7.27 -14.51 -15.44
C SER B 195 7.68 -15.71 -14.60
N THR B 196 8.96 -16.07 -14.68
CA THR B 196 9.52 -17.04 -13.73
C THR B 196 9.45 -16.52 -12.30
N LEU B 197 9.98 -15.30 -12.09
CA LEU B 197 10.08 -14.74 -10.76
C LEU B 197 8.72 -14.55 -10.08
N ASN B 198 7.69 -14.19 -10.84
CA ASN B 198 6.35 -14.10 -10.26
C ASN B 198 5.85 -15.45 -9.74
N VAL B 199 6.54 -16.53 -10.07
CA VAL B 199 6.28 -17.83 -9.47
C VAL B 199 7.28 -18.10 -8.35
N THR B 200 8.55 -17.97 -8.67
CA THR B 200 9.60 -18.43 -7.76
C THR B 200 9.83 -17.56 -6.53
N LEU B 201 9.59 -16.25 -6.63
CA LEU B 201 9.85 -15.37 -5.49
C LEU B 201 8.94 -15.71 -4.29
N TRP B 202 7.75 -16.22 -4.59
CA TRP B 202 6.79 -16.60 -3.56
C TRP B 202 7.10 -17.96 -2.95
N SER B 203 7.97 -18.71 -3.63
CA SER B 203 8.34 -20.06 -3.20
C SER B 203 8.92 -20.08 -1.79
N PHE B 204 9.58 -18.99 -1.40
CA PHE B 204 10.36 -18.97 -0.17
C PHE B 204 9.65 -18.28 0.99
N ILE B 205 8.36 -18.01 0.86
CA ILE B 205 7.56 -17.58 2.00
C ILE B 205 7.61 -18.68 3.06
N GLY B 206 8.04 -18.31 4.26
CA GLY B 206 8.24 -19.25 5.35
C GLY B 206 9.62 -19.16 5.94
N VAL B 207 10.47 -18.36 5.31
CA VAL B 207 11.83 -18.12 5.77
C VAL B 207 11.84 -17.61 7.22
N GLU B 208 10.77 -16.92 7.58
CA GLU B 208 10.68 -16.25 8.87
C GLU B 208 10.19 -17.15 9.99
N SER B 209 10.07 -18.44 9.71
CA SER B 209 9.34 -19.35 10.58
C SER B 209 9.99 -19.54 11.95
N ALA B 210 11.27 -19.88 11.97
CA ALA B 210 11.96 -20.11 13.22
C ALA B 210 11.97 -18.84 14.08
N SER B 211 12.22 -17.71 13.42
CA SER B 211 12.21 -16.41 14.07
C SER B 211 10.90 -16.13 14.81
N VAL B 212 9.78 -16.34 14.15
CA VAL B 212 8.48 -16.11 14.76
C VAL B 212 8.21 -17.13 15.86
N ALA B 213 8.75 -18.34 15.68
CA ALA B 213 8.57 -19.41 16.65
C ALA B 213 9.59 -19.34 17.79
N ALA B 214 10.47 -18.33 17.72
CA ALA B 214 11.59 -18.20 18.65
C ALA B 214 11.23 -18.51 20.10
N GLY B 215 9.98 -18.26 20.49
CA GLY B 215 9.57 -18.42 21.88
C GLY B 215 9.41 -19.85 22.37
N VAL B 216 9.28 -20.82 21.46
CA VAL B 216 9.18 -22.23 21.83
C VAL B 216 10.41 -23.01 21.35
N VAL B 217 11.39 -22.29 20.83
CA VAL B 217 12.63 -22.92 20.39
C VAL B 217 13.63 -22.98 21.53
N LYS B 218 14.38 -24.06 21.57
CA LYS B 218 15.41 -24.29 22.57
C LYS B 218 16.69 -23.57 22.17
N ASN B 219 17.19 -22.71 23.05
CA ASN B 219 18.41 -21.97 22.76
C ASN B 219 18.27 -21.17 21.48
N PRO B 220 17.17 -20.39 21.37
CA PRO B 220 16.81 -19.77 20.09
C PRO B 220 17.92 -18.89 19.51
N LYS B 221 18.66 -18.23 20.39
CA LYS B 221 19.74 -17.34 19.98
C LYS B 221 20.76 -18.06 19.12
N ARG B 222 20.87 -19.38 19.32
CA ARG B 222 21.79 -20.21 18.55
C ARG B 222 21.06 -20.98 17.45
N ASN B 223 19.91 -21.56 17.78
CA ASN B 223 19.24 -22.48 16.87
C ASN B 223 18.35 -21.80 15.82
N VAL B 224 17.72 -20.68 16.17
CA VAL B 224 16.83 -20.01 15.23
C VAL B 224 17.59 -19.51 13.99
N PRO B 225 18.79 -18.94 14.17
CA PRO B 225 19.60 -18.61 12.99
C PRO B 225 19.94 -19.83 12.13
N ILE B 226 20.47 -20.87 12.79
CA ILE B 226 20.87 -22.11 12.10
C ILE B 226 19.67 -22.71 11.38
N ALA B 227 18.57 -22.84 12.09
CA ALA B 227 17.33 -23.36 11.52
C ALA B 227 16.88 -22.49 10.34
N THR B 228 16.92 -21.17 10.54
CA THR B 228 16.47 -20.23 9.53
C THR B 228 17.24 -20.38 8.24
N ILE B 229 18.57 -20.38 8.31
CA ILE B 229 19.38 -20.49 7.10
C ILE B 229 19.35 -21.92 6.51
N GLY B 230 19.39 -22.92 7.40
CA GLY B 230 19.34 -24.31 6.98
C GLY B 230 18.09 -24.64 6.19
N GLY B 231 16.94 -24.27 6.73
CA GLY B 231 15.67 -24.50 6.08
C GLY B 231 15.65 -23.97 4.66
N VAL B 232 16.13 -22.74 4.51
CA VAL B 232 16.17 -22.09 3.20
C VAL B 232 17.11 -22.80 2.25
N LEU B 233 18.30 -23.18 2.72
CA LEU B 233 19.21 -23.94 1.86
C LEU B 233 18.54 -25.23 1.36
N ILE B 234 17.92 -25.98 2.28
CA ILE B 234 17.16 -27.17 1.90
C ILE B 234 16.16 -26.84 0.79
N ALA B 235 15.27 -25.89 1.08
CA ALA B 235 14.22 -25.49 0.15
C ALA B 235 14.78 -25.13 -1.23
N ALA B 236 15.81 -24.29 -1.24
CA ALA B 236 16.44 -23.85 -2.49
C ALA B 236 16.92 -25.05 -3.30
N VAL B 237 17.79 -25.85 -2.68
CA VAL B 237 18.36 -27.02 -3.36
C VAL B 237 17.26 -27.88 -3.95
N CYS B 238 16.29 -28.26 -3.16
CA CYS B 238 15.24 -29.09 -3.68
C CYS B 238 14.45 -28.45 -4.78
N TYR B 239 14.19 -27.18 -4.69
CA TYR B 239 13.42 -26.51 -5.70
C TYR B 239 14.12 -26.54 -7.03
N VAL B 240 15.38 -26.20 -7.02
CA VAL B 240 16.16 -26.19 -8.23
C VAL B 240 16.36 -27.53 -8.82
N LEU B 241 16.70 -28.46 -7.98
CA LEU B 241 16.96 -29.82 -8.44
C LEU B 241 15.72 -30.49 -9.01
N SER B 242 14.65 -30.50 -8.22
CA SER B 242 13.44 -31.16 -8.65
C SER B 242 12.92 -30.53 -9.95
N THR B 243 12.71 -29.22 -9.96
CA THR B 243 12.14 -28.58 -11.14
C THR B 243 13.03 -28.78 -12.37
N THR B 244 14.34 -28.62 -12.18
CA THR B 244 15.30 -28.79 -13.27
C THR B 244 15.27 -30.22 -13.80
N ALA B 245 15.27 -31.18 -12.89
CA ALA B 245 15.23 -32.59 -13.27
C ALA B 245 13.97 -32.90 -14.06
N ILE B 246 12.83 -32.54 -13.49
CA ILE B 246 11.55 -32.81 -14.14
C ILE B 246 11.48 -32.13 -15.50
N MET B 247 12.01 -30.92 -15.62
CA MET B 247 12.01 -30.21 -16.90
C MET B 247 12.84 -30.92 -17.97
N GLY B 248 13.73 -31.81 -17.56
CA GLY B 248 14.60 -32.52 -18.49
C GLY B 248 14.13 -33.93 -18.80
N MET B 249 13.25 -34.46 -17.95
CA MET B 249 12.78 -35.83 -18.09
C MET B 249 11.44 -35.89 -18.81
N ILE B 250 10.67 -34.80 -18.74
CA ILE B 250 9.33 -34.77 -19.32
C ILE B 250 9.22 -33.66 -20.38
N PRO B 251 8.55 -33.95 -21.52
CA PRO B 251 8.32 -32.91 -22.53
C PRO B 251 7.52 -31.74 -21.97
N ASN B 252 7.92 -30.52 -22.35
CA ASN B 252 7.30 -29.31 -21.84
C ASN B 252 5.77 -29.35 -21.95
N ALA B 253 5.28 -29.84 -23.08
CA ALA B 253 3.84 -29.93 -23.34
C ALA B 253 3.13 -30.72 -22.24
N ALA B 254 3.59 -31.94 -21.99
CA ALA B 254 3.03 -32.77 -20.92
C ALA B 254 3.08 -32.03 -19.60
N LEU B 255 4.20 -31.35 -19.37
CA LEU B 255 4.48 -30.68 -18.12
C LEU B 255 3.49 -29.55 -17.83
N ARG B 256 3.23 -28.71 -18.83
CA ARG B 256 2.26 -27.62 -18.68
C ARG B 256 0.88 -28.15 -18.30
N VAL B 257 0.34 -28.98 -19.20
CA VAL B 257 -1.00 -29.55 -19.06
C VAL B 257 -1.22 -30.14 -17.68
N SER B 258 -0.30 -30.99 -17.25
CA SER B 258 -0.38 -31.66 -15.96
C SER B 258 -0.65 -30.69 -14.80
N ALA B 259 -1.59 -31.07 -13.93
CA ALA B 259 -1.88 -30.32 -12.72
C ALA B 259 -1.10 -30.91 -11.54
N SER B 260 -0.70 -32.16 -11.70
CA SER B 260 0.19 -32.82 -10.75
C SER B 260 1.31 -33.57 -11.49
N PRO B 261 2.32 -32.84 -11.98
CA PRO B 261 3.46 -33.39 -12.73
C PRO B 261 4.19 -34.54 -12.04
N PHE B 262 4.65 -34.39 -10.83
CA PHE B 262 5.31 -35.51 -10.21
C PHE B 262 4.44 -36.72 -10.11
N GLY B 263 3.19 -36.51 -9.74
CA GLY B 263 2.24 -37.59 -9.58
C GLY B 263 1.87 -38.32 -10.85
N ASP B 264 1.63 -37.55 -11.89
CA ASP B 264 1.26 -38.10 -13.18
C ASP B 264 2.44 -38.80 -13.81
N ALA B 265 3.58 -38.13 -13.75
CA ALA B 265 4.87 -38.61 -14.23
C ALA B 265 5.24 -39.89 -13.50
N ALA B 266 5.09 -39.89 -12.18
CA ALA B 266 5.38 -41.07 -11.38
C ALA B 266 4.47 -42.25 -11.74
N ARG B 267 3.16 -41.98 -11.77
CA ARG B 267 2.16 -43.02 -12.03
C ARG B 267 2.47 -43.75 -13.31
N MET B 268 2.75 -43.00 -14.38
CA MET B 268 3.12 -43.63 -15.65
C MET B 268 4.64 -43.78 -15.80
N ALA B 269 5.37 -43.75 -14.70
CA ALA B 269 6.82 -44.05 -14.70
C ALA B 269 7.08 -45.41 -14.08
N LEU B 270 6.57 -45.61 -12.87
CA LEU B 270 6.90 -46.82 -12.11
C LEU B 270 5.64 -47.45 -11.47
N GLY B 271 4.48 -47.16 -12.06
CA GLY B 271 3.26 -47.88 -11.74
C GLY B 271 2.24 -47.13 -10.90
N ASP B 272 1.09 -47.76 -10.70
CA ASP B 272 0.00 -47.22 -9.90
C ASP B 272 0.40 -47.14 -8.42
N THR B 273 1.57 -47.70 -8.08
CA THR B 273 2.11 -47.66 -6.74
C THR B 273 3.00 -46.42 -6.56
N ALA B 274 3.79 -46.12 -7.58
CA ALA B 274 4.65 -44.93 -7.56
C ALA B 274 3.82 -43.66 -7.40
N GLY B 275 2.76 -43.56 -8.19
CA GLY B 275 1.82 -42.46 -8.10
C GLY B 275 1.28 -42.36 -6.70
N ALA B 276 0.91 -43.50 -6.12
CA ALA B 276 0.38 -43.55 -4.77
C ALA B 276 1.41 -43.00 -3.78
N ILE B 277 2.66 -43.44 -3.90
CA ILE B 277 3.71 -42.97 -3.00
C ILE B 277 3.92 -41.45 -3.12
N VAL B 278 4.09 -40.95 -4.35
CA VAL B 278 4.29 -39.51 -4.53
C VAL B 278 3.10 -38.73 -3.98
N SER B 279 1.89 -39.22 -4.24
CA SER B 279 0.69 -38.58 -3.71
C SER B 279 0.70 -38.54 -2.19
N PHE B 280 0.93 -39.68 -1.56
CA PHE B 280 1.01 -39.75 -0.10
C PHE B 280 2.01 -38.74 0.45
N CYS B 281 3.22 -38.79 -0.08
CA CYS B 281 4.29 -37.91 0.39
C CYS B 281 3.95 -36.44 0.18
N ALA B 282 3.39 -36.12 -0.98
CA ALA B 282 2.97 -34.76 -1.25
C ALA B 282 1.92 -34.30 -0.24
N ALA B 283 0.97 -35.18 0.05
CA ALA B 283 -0.05 -34.86 1.04
C ALA B 283 0.55 -34.70 2.43
N ALA B 284 1.52 -35.54 2.76
CA ALA B 284 2.25 -35.41 4.03
C ALA B 284 2.87 -34.02 4.12
N GLY B 285 3.64 -33.66 3.09
CA GLY B 285 4.27 -32.36 3.03
C GLY B 285 3.28 -31.22 3.17
N CYS B 286 2.21 -31.29 2.39
CA CYS B 286 1.18 -30.25 2.42
C CYS B 286 0.53 -30.11 3.80
N LEU B 287 -0.02 -31.22 4.31
CA LEU B 287 -0.81 -31.17 5.54
C LEU B 287 0.07 -31.01 6.79
N GLY B 288 1.32 -31.45 6.70
CA GLY B 288 2.23 -31.31 7.82
C GLY B 288 2.51 -29.87 8.21
N SER B 289 2.53 -28.99 7.20
CA SER B 289 2.93 -27.60 7.42
C SER B 289 1.76 -26.73 7.90
N LEU B 290 0.55 -27.23 7.75
CA LEU B 290 -0.64 -26.63 8.37
C LEU B 290 -0.33 -26.36 9.85
N GLY B 291 0.20 -27.39 10.50
CA GLY B 291 0.56 -27.30 11.90
C GLY B 291 1.52 -26.16 12.17
N GLY B 292 2.58 -26.10 11.37
CA GLY B 292 3.58 -25.06 11.50
C GLY B 292 2.98 -23.67 11.39
N TRP B 293 2.23 -23.44 10.32
CA TRP B 293 1.65 -22.13 10.10
C TRP B 293 0.63 -21.76 11.20
N THR B 294 -0.15 -22.74 11.64
CA THR B 294 -1.08 -22.51 12.74
C THR B 294 -0.31 -22.11 14.01
N LEU B 295 0.77 -22.83 14.27
CA LEU B 295 1.67 -22.49 15.38
C LEU B 295 2.13 -21.05 15.28
N LEU B 296 2.67 -20.69 14.12
CA LEU B 296 3.19 -19.34 13.91
C LEU B 296 2.09 -18.29 14.14
N ALA B 297 0.89 -18.56 13.65
CA ALA B 297 -0.26 -17.68 13.93
C ALA B 297 -0.40 -17.47 15.44
N GLY B 298 -0.52 -18.59 16.16
CA GLY B 298 -0.59 -18.57 17.61
C GLY B 298 0.50 -17.71 18.24
N GLN B 299 1.74 -17.96 17.80
CA GLN B 299 2.90 -17.26 18.36
C GLN B 299 2.84 -15.75 18.13
N THR B 300 2.68 -15.31 16.89
CA THR B 300 2.67 -13.88 16.62
C THR B 300 1.54 -13.21 17.41
N ALA B 301 0.36 -13.80 17.39
CA ALA B 301 -0.77 -13.21 18.10
C ALA B 301 -0.48 -13.13 19.60
N LYS B 302 0.06 -14.21 20.15
CA LYS B 302 0.42 -14.22 21.56
C LYS B 302 1.40 -13.09 21.89
N ALA B 303 2.50 -13.03 21.16
CA ALA B 303 3.54 -12.02 21.38
C ALA B 303 2.94 -10.61 21.34
N ALA B 304 2.09 -10.34 20.35
CA ALA B 304 1.45 -9.02 20.27
C ALA B 304 0.48 -8.75 21.41
N ALA B 305 -0.32 -9.75 21.77
CA ALA B 305 -1.29 -9.57 22.85
C ALA B 305 -0.59 -9.37 24.19
N ASP B 306 0.59 -9.99 24.35
CA ASP B 306 1.41 -9.80 25.55
C ASP B 306 1.84 -8.34 25.75
N ASP B 307 1.88 -7.57 24.66
CA ASP B 307 2.30 -6.17 24.69
C ASP B 307 1.08 -5.24 24.63
N GLY B 308 -0.11 -5.82 24.79
CA GLY B 308 -1.34 -5.05 24.75
C GLY B 308 -1.70 -4.56 23.37
N LEU B 309 -1.04 -5.12 22.34
CA LEU B 309 -1.24 -4.69 20.95
C LEU B 309 -2.03 -5.71 20.15
N PHE B 310 -2.90 -6.45 20.84
CA PHE B 310 -3.81 -7.40 20.22
C PHE B 310 -4.76 -7.84 21.34
N PRO B 311 -5.97 -8.29 21.00
CA PRO B 311 -6.93 -8.58 22.07
C PRO B 311 -6.36 -9.58 23.07
N PRO B 312 -6.58 -9.36 24.38
CA PRO B 312 -5.81 -10.08 25.40
C PRO B 312 -6.01 -11.60 25.39
N ILE B 313 -7.15 -12.06 24.88
CA ILE B 313 -7.46 -13.49 24.88
C ILE B 313 -6.37 -14.29 24.15
N PHE B 314 -5.73 -13.67 23.16
CA PHE B 314 -4.70 -14.34 22.39
C PHE B 314 -3.43 -14.57 23.21
N ALA B 315 -3.36 -13.93 24.38
CA ALA B 315 -2.22 -14.08 25.28
C ALA B 315 -2.52 -15.08 26.40
N ARG B 316 -3.78 -15.47 26.51
CA ARG B 316 -4.19 -16.45 27.52
C ARG B 316 -3.63 -17.82 27.19
N VAL B 317 -3.03 -18.45 28.18
CA VAL B 317 -2.32 -19.72 27.99
C VAL B 317 -2.66 -20.76 29.06
N ASN B 318 -2.38 -22.03 28.74
CA ASN B 318 -2.47 -23.09 29.72
C ASN B 318 -1.13 -23.22 30.44
N LYS B 319 -1.01 -24.13 31.39
CA LYS B 319 0.18 -24.18 32.25
C LYS B 319 1.49 -24.44 31.47
N ALA B 320 1.38 -24.77 30.19
CA ALA B 320 2.55 -25.01 29.34
C ALA B 320 2.99 -23.74 28.59
N GLY B 321 2.08 -22.77 28.52
CA GLY B 321 2.33 -21.53 27.80
C GLY B 321 1.70 -21.52 26.42
N THR B 322 0.94 -22.57 26.12
CA THR B 322 0.29 -22.70 24.81
C THR B 322 -0.92 -21.77 24.69
N PRO B 323 -0.94 -20.91 23.65
CA PRO B 323 -2.11 -20.05 23.44
C PRO B 323 -3.33 -20.83 22.93
N VAL B 324 -3.98 -21.56 23.82
CA VAL B 324 -5.06 -22.47 23.46
C VAL B 324 -6.27 -21.74 22.84
N ALA B 325 -6.78 -20.74 23.55
CA ALA B 325 -7.94 -19.99 23.08
C ALA B 325 -7.68 -19.36 21.72
N GLY B 326 -6.48 -18.79 21.56
CA GLY B 326 -6.07 -18.19 20.30
C GLY B 326 -6.14 -19.21 19.17
N LEU B 327 -5.57 -20.38 19.42
CA LEU B 327 -5.57 -21.47 18.45
C LEU B 327 -6.99 -21.88 18.08
N ILE B 328 -7.86 -21.99 19.08
CA ILE B 328 -9.28 -22.27 18.82
C ILE B 328 -9.93 -21.18 17.95
N ILE B 329 -9.68 -19.92 18.29
CA ILE B 329 -10.20 -18.80 17.50
C ILE B 329 -9.76 -18.92 16.04
N VAL B 330 -8.46 -19.14 15.84
CA VAL B 330 -7.93 -19.34 14.49
C VAL B 330 -8.64 -20.51 13.82
N GLY B 331 -8.84 -21.60 14.56
CA GLY B 331 -9.61 -22.72 14.07
C GLY B 331 -10.98 -22.31 13.55
N ILE B 332 -11.72 -21.57 14.37
CA ILE B 332 -13.05 -21.12 13.98
C ILE B 332 -13.03 -20.23 12.73
N LEU B 333 -12.12 -19.26 12.70
CA LEU B 333 -12.02 -18.39 11.52
C LEU B 333 -11.68 -19.20 10.26
N MET B 334 -10.69 -20.07 10.37
CA MET B 334 -10.32 -20.95 9.26
C MET B 334 -11.51 -21.78 8.81
N THR B 335 -12.29 -22.29 9.78
CA THR B 335 -13.51 -23.02 9.46
C THR B 335 -14.48 -22.16 8.67
N ILE B 336 -14.80 -20.97 9.19
CA ILE B 336 -15.68 -20.04 8.49
C ILE B 336 -15.23 -19.80 7.05
N PHE B 337 -13.93 -19.58 6.86
CA PHE B 337 -13.40 -19.32 5.52
C PHE B 337 -13.23 -20.58 4.67
N GLN B 338 -13.08 -21.75 5.30
CA GLN B 338 -12.95 -23.01 4.56
C GLN B 338 -14.23 -23.35 3.80
N LEU B 339 -15.32 -22.65 4.11
CA LEU B 339 -16.60 -22.89 3.47
C LEU B 339 -16.62 -22.45 2.00
N SER B 340 -15.50 -21.92 1.53
CA SER B 340 -15.40 -21.40 0.17
C SER B 340 -15.12 -22.49 -0.87
N SER B 341 -14.99 -23.75 -0.45
CA SER B 341 -14.59 -24.83 -1.35
C SER B 341 -15.73 -25.83 -1.62
N ILE B 342 -16.97 -25.40 -1.38
CA ILE B 342 -18.14 -26.25 -1.65
C ILE B 342 -18.54 -26.24 -3.11
N SER B 343 -17.93 -25.36 -3.90
CA SER B 343 -18.20 -25.32 -5.33
C SER B 343 -17.04 -24.70 -6.07
N PRO B 344 -16.92 -25.01 -7.38
CA PRO B 344 -15.95 -24.28 -8.21
C PRO B 344 -16.24 -22.79 -8.18
N ASN B 345 -17.51 -22.46 -7.97
CA ASN B 345 -17.97 -21.07 -7.90
C ASN B 345 -17.45 -20.37 -6.65
N ALA B 346 -17.63 -20.99 -5.49
CA ALA B 346 -17.22 -20.39 -4.23
C ALA B 346 -15.70 -20.30 -4.13
N THR B 347 -15.02 -21.26 -4.74
CA THR B 347 -13.57 -21.37 -4.66
C THR B 347 -12.85 -20.17 -5.27
N LYS B 348 -13.33 -19.72 -6.43
CA LYS B 348 -12.64 -18.67 -7.18
C LYS B 348 -12.98 -17.27 -6.66
N GLU B 349 -14.03 -17.16 -5.87
CA GLU B 349 -14.36 -15.91 -5.19
C GLU B 349 -13.30 -15.62 -4.12
N PHE B 350 -12.88 -16.68 -3.44
CA PHE B 350 -11.96 -16.58 -2.31
C PHE B 350 -10.51 -16.31 -2.74
N GLY B 351 -10.20 -16.51 -4.02
CA GLY B 351 -8.82 -16.41 -4.50
C GLY B 351 -8.12 -15.10 -4.18
N LEU B 352 -8.84 -14.00 -4.33
CA LEU B 352 -8.26 -12.68 -4.11
C LEU B 352 -7.78 -12.56 -2.67
N VAL B 353 -8.68 -12.88 -1.73
CA VAL B 353 -8.36 -12.88 -0.30
C VAL B 353 -7.04 -13.62 -0.05
N SER B 354 -6.89 -14.78 -0.69
CA SER B 354 -5.70 -15.59 -0.53
C SER B 354 -4.46 -14.88 -1.08
N SER B 355 -4.55 -14.38 -2.31
CA SER B 355 -3.41 -13.68 -2.91
C SER B 355 -2.98 -12.46 -2.07
N VAL B 356 -3.95 -11.67 -1.67
CA VAL B 356 -3.72 -10.52 -0.80
C VAL B 356 -3.03 -11.02 0.47
N SER B 357 -3.60 -12.08 1.05
CA SER B 357 -3.02 -12.74 2.20
C SER B 357 -1.54 -13.08 1.98
N VAL B 358 -1.21 -13.59 0.79
CA VAL B 358 0.19 -13.81 0.45
C VAL B 358 0.99 -12.52 0.51
N ILE B 359 0.49 -11.46 -0.11
CA ILE B 359 1.23 -10.19 -0.08
C ILE B 359 1.42 -9.65 1.34
N PHE B 360 0.46 -9.86 2.24
CA PHE B 360 0.61 -9.43 3.64
C PHE B 360 1.95 -9.79 4.29
N THR B 361 2.56 -10.90 3.88
CA THR B 361 3.76 -11.40 4.53
C THR B 361 4.99 -10.55 4.24
N LEU B 362 4.95 -9.79 3.15
CA LEU B 362 6.11 -9.03 2.71
C LEU B 362 6.37 -7.77 3.54
N VAL B 363 5.36 -7.27 4.23
CA VAL B 363 5.54 -6.10 5.08
C VAL B 363 6.39 -6.44 6.31
N PRO B 364 6.07 -7.55 7.01
CA PRO B 364 6.96 -8.07 8.05
C PRO B 364 8.40 -8.23 7.59
N TYR B 365 8.59 -8.87 6.44
CA TYR B 365 9.92 -9.06 5.86
C TYR B 365 10.66 -7.73 5.76
N LEU B 366 9.98 -6.76 5.17
CA LEU B 366 10.52 -5.43 4.95
C LEU B 366 10.94 -4.77 6.27
N TYR B 367 10.03 -4.80 7.24
CA TYR B 367 10.33 -4.24 8.56
C TYR B 367 11.50 -4.95 9.24
N THR B 368 11.58 -6.26 9.07
CA THR B 368 12.70 -7.03 9.63
C THR B 368 14.01 -6.54 9.02
N CYS B 369 14.04 -6.45 7.69
CA CYS B 369 15.19 -5.88 6.98
C CYS B 369 15.56 -4.51 7.54
N ALA B 370 14.58 -3.62 7.68
CA ALA B 370 14.84 -2.30 8.25
C ALA B 370 15.38 -2.39 9.69
N ALA B 371 14.77 -3.27 10.47
CA ALA B 371 15.11 -3.42 11.88
C ALA B 371 16.57 -3.81 12.06
N LEU B 372 17.03 -4.76 11.26
CA LEU B 372 18.44 -5.19 11.36
C LEU B 372 19.40 -4.00 11.30
N LEU B 373 19.19 -3.11 10.34
CA LEU B 373 20.05 -1.94 10.19
C LEU B 373 19.82 -0.93 11.30
N LEU B 374 18.56 -0.62 11.59
CA LEU B 374 18.27 0.42 12.58
C LEU B 374 18.63 0.01 14.01
N LEU B 375 18.60 -1.29 14.30
CA LEU B 375 18.85 -1.78 15.66
C LEU B 375 20.29 -2.27 15.86
N GLY B 376 20.81 -2.99 14.88
CA GLY B 376 22.06 -3.71 15.03
C GLY B 376 23.26 -3.09 14.34
N HIS B 377 23.15 -1.83 13.94
CA HIS B 377 24.26 -1.14 13.31
C HIS B 377 25.49 -1.16 14.21
N GLY B 378 25.25 -1.17 15.51
CA GLY B 378 26.33 -1.17 16.48
C GLY B 378 26.94 -2.55 16.70
N HIS B 379 26.42 -3.56 16.01
CA HIS B 379 26.95 -4.92 16.11
C HIS B 379 27.60 -5.38 14.81
N PHE B 380 27.76 -4.47 13.85
CA PHE B 380 28.28 -4.81 12.53
C PHE B 380 29.79 -4.65 12.47
N GLY B 381 30.31 -3.56 13.03
CA GLY B 381 31.74 -3.34 13.11
C GLY B 381 32.44 -3.28 11.76
N LYS B 382 33.50 -4.10 11.62
CA LYS B 382 34.32 -4.10 10.41
C LYS B 382 33.51 -4.48 9.17
N ALA B 383 32.45 -5.25 9.38
CA ALA B 383 31.73 -5.89 8.29
C ALA B 383 30.42 -5.16 7.96
N ARG B 384 30.34 -3.88 8.30
CA ARG B 384 29.17 -3.06 7.98
C ARG B 384 28.82 -3.06 6.48
N PRO B 385 29.84 -2.97 5.59
CA PRO B 385 29.45 -2.91 4.17
C PRO B 385 28.80 -4.20 3.66
N ALA B 386 29.00 -5.29 4.39
CA ALA B 386 28.38 -6.57 4.03
C ALA B 386 26.92 -6.60 4.48
N TYR B 387 26.69 -6.23 5.74
CA TYR B 387 25.34 -6.15 6.30
C TYR B 387 24.44 -5.25 5.46
N LEU B 388 24.97 -4.10 5.06
CA LEU B 388 24.22 -3.16 4.24
C LEU B 388 23.94 -3.75 2.86
N ALA B 389 24.89 -4.54 2.35
CA ALA B 389 24.76 -5.11 1.02
C ALA B 389 23.75 -6.25 0.99
N VAL B 390 23.84 -7.15 1.96
CA VAL B 390 22.91 -8.27 2.06
C VAL B 390 21.50 -7.79 2.39
N THR B 391 21.40 -6.90 3.38
CA THR B 391 20.10 -6.36 3.78
C THR B 391 19.45 -5.65 2.61
N THR B 392 20.27 -5.02 1.77
CA THR B 392 19.78 -4.32 0.61
C THR B 392 19.19 -5.31 -0.40
N ILE B 393 19.84 -6.47 -0.54
CA ILE B 393 19.34 -7.51 -1.43
C ILE B 393 18.00 -8.03 -0.93
N ALA B 394 17.88 -8.19 0.39
CA ALA B 394 16.63 -8.65 0.97
C ALA B 394 15.51 -7.63 0.73
N PHE B 395 15.85 -6.34 0.78
CA PHE B 395 14.89 -5.29 0.46
C PHE B 395 14.37 -5.47 -0.97
N LEU B 396 15.30 -5.66 -1.90
CA LEU B 396 14.97 -5.82 -3.31
C LEU B 396 14.11 -7.05 -3.54
N TYR B 397 14.33 -8.09 -2.74
CA TYR B 397 13.54 -9.32 -2.84
C TYR B 397 12.06 -9.03 -2.56
N CYS B 398 11.80 -8.40 -1.42
CA CYS B 398 10.44 -8.06 -1.03
C CYS B 398 9.75 -7.15 -2.04
N ILE B 399 10.50 -6.18 -2.55
CA ILE B 399 9.92 -5.15 -3.42
C ILE B 399 9.64 -5.71 -4.81
N TRP B 400 10.54 -6.55 -5.32
CA TRP B 400 10.35 -7.14 -6.64
C TRP B 400 9.14 -8.05 -6.65
N ALA B 401 9.00 -8.85 -5.60
CA ALA B 401 7.86 -9.76 -5.45
C ALA B 401 6.54 -9.01 -5.63
N VAL B 402 6.45 -7.83 -5.03
CA VAL B 402 5.25 -7.00 -5.15
C VAL B 402 5.09 -6.45 -6.57
N VAL B 403 6.17 -5.92 -7.13
CA VAL B 403 6.15 -5.32 -8.46
C VAL B 403 5.61 -6.31 -9.52
N GLY B 404 5.84 -7.60 -9.30
CA GLY B 404 5.43 -8.62 -10.25
C GLY B 404 4.04 -9.18 -10.00
N SER B 405 3.40 -8.69 -8.93
CA SER B 405 2.10 -9.20 -8.51
C SER B 405 0.97 -8.55 -9.29
N GLY B 406 -0.22 -9.13 -9.13
CA GLY B 406 -1.42 -8.56 -9.71
C GLY B 406 -1.78 -7.28 -9.02
N ALA B 407 -2.12 -6.26 -9.82
CA ALA B 407 -2.41 -4.92 -9.31
C ALA B 407 -3.53 -4.93 -8.27
N LYS B 408 -4.55 -5.73 -8.50
CA LYS B 408 -5.71 -5.78 -7.62
C LYS B 408 -5.31 -6.28 -6.23
N GLU B 409 -4.56 -7.39 -6.22
CA GLU B 409 -4.08 -8.02 -5.00
C GLU B 409 -3.33 -7.00 -4.13
N VAL B 410 -2.53 -6.19 -4.79
CA VAL B 410 -1.69 -5.20 -4.10
C VAL B 410 -2.53 -4.02 -3.64
N MET B 411 -3.43 -3.55 -4.50
CA MET B 411 -4.38 -2.51 -4.12
C MET B 411 -5.05 -2.88 -2.81
N TRP B 412 -5.60 -4.09 -2.76
CA TRP B 412 -6.36 -4.49 -1.58
C TRP B 412 -5.49 -4.74 -0.34
N SER B 413 -4.19 -4.91 -0.54
CA SER B 413 -3.25 -4.94 0.57
C SER B 413 -3.09 -3.51 1.11
N PHE B 414 -2.91 -2.57 0.20
CA PHE B 414 -2.83 -1.15 0.53
C PHE B 414 -4.06 -0.71 1.35
N VAL B 415 -5.24 -1.02 0.84
CA VAL B 415 -6.48 -0.73 1.56
C VAL B 415 -6.43 -1.32 2.98
N THR B 416 -5.89 -2.53 3.09
CA THR B 416 -5.80 -3.19 4.38
C THR B 416 -4.90 -2.40 5.32
N LEU B 417 -3.74 -1.95 4.83
CA LEU B 417 -2.89 -1.07 5.63
C LEU B 417 -3.69 0.12 6.17
N MET B 418 -4.43 0.78 5.27
CA MET B 418 -5.25 1.92 5.70
C MET B 418 -6.26 1.56 6.80
N VAL B 419 -7.01 0.50 6.57
CA VAL B 419 -7.97 0.01 7.56
C VAL B 419 -7.29 -0.28 8.91
N ILE B 420 -6.13 -0.92 8.84
CA ILE B 420 -5.35 -1.22 10.05
C ILE B 420 -5.02 0.07 10.79
N THR B 421 -4.54 1.07 10.07
CA THR B 421 -4.26 2.38 10.66
C THR B 421 -5.48 2.94 11.40
N ALA B 422 -6.61 3.02 10.69
CA ALA B 422 -7.84 3.53 11.31
C ALA B 422 -8.21 2.75 12.57
N MET B 423 -8.19 1.42 12.48
CA MET B 423 -8.49 0.58 13.63
C MET B 423 -7.58 0.87 14.82
N TYR B 424 -6.28 0.96 14.57
CA TYR B 424 -5.34 1.28 15.63
C TYR B 424 -5.73 2.58 16.30
N ALA B 425 -5.92 3.62 15.48
CA ALA B 425 -6.30 4.92 16.01
C ALA B 425 -7.58 4.84 16.84
N LEU B 426 -8.58 4.09 16.35
CA LEU B 426 -9.86 4.02 17.05
C LEU B 426 -9.83 3.16 18.32
N ASN B 427 -9.01 2.12 18.34
CA ASN B 427 -8.99 1.21 19.48
C ASN B 427 -7.90 1.49 20.51
N TYR B 428 -6.85 2.20 20.11
CA TYR B 428 -5.74 2.44 21.03
C TYR B 428 -5.49 3.91 21.41
N ASN B 429 -6.37 4.81 20.99
CA ASN B 429 -6.19 6.21 21.39
C ASN B 429 -6.36 6.32 22.91
N ARG B 430 -5.41 7.01 23.54
CA ARG B 430 -5.36 7.25 25.00
C ARG B 430 -4.88 6.04 25.80
N LEU B 431 -4.70 4.92 25.11
CA LEU B 431 -3.84 3.84 25.60
C LEU B 431 -2.45 4.06 24.97
N HIS B 432 -2.48 4.56 23.75
CA HIS B 432 -1.28 4.82 22.96
C HIS B 432 -0.50 6.01 23.48
N LYS B 433 0.82 5.88 23.49
CA LYS B 433 1.69 6.93 23.98
C LYS B 433 2.49 7.52 22.82
N ASN B 434 2.37 8.83 22.65
CA ASN B 434 2.99 9.53 21.53
C ASN B 434 4.44 9.91 21.81
N PRO B 435 5.34 9.77 20.81
CA PRO B 435 6.73 10.20 20.95
C PRO B 435 6.91 11.68 21.24
N TYR B 436 6.05 12.50 20.65
CA TYR B 436 6.08 13.95 20.86
C TYR B 436 4.67 14.46 21.16
N PRO B 437 4.20 14.26 22.41
CA PRO B 437 2.83 14.61 22.81
C PRO B 437 2.59 16.12 22.93
N LEU B 438 1.32 16.50 22.94
CA LEU B 438 0.93 17.88 23.19
C LEU B 438 1.00 18.16 24.69
N ASP B 439 1.07 19.44 25.05
CA ASP B 439 0.99 19.83 26.46
C ASP B 439 -0.39 19.50 27.00
N ALA B 440 -0.47 19.25 28.30
CA ALA B 440 -1.74 18.92 28.94
C ALA B 440 -2.75 20.04 28.72
N PRO B 441 -4.05 19.68 28.58
CA PRO B 441 -5.13 20.65 28.29
C PRO B 441 -5.05 21.92 29.13
N AG2 C . -8.15 19.47 -5.93
CA AG2 C . -7.05 19.98 -6.71
CB AG2 C . -5.88 19.06 -6.62
CG AG2 C . -4.59 19.89 -6.83
CD AG2 C . -3.33 18.99 -6.52
NE AG2 C . -2.14 19.74 -6.94
CZ AG2 C . -0.82 19.22 -6.72
NH1 AG2 C . -0.62 18.07 -6.15
NH2 AG2 C . 0.33 20.02 -7.15
HN1 AG2 C . -7.93 18.66 -5.59
HN2 AG2 C . -8.88 19.38 -6.45
HA1 AG2 C . -7.34 20.05 -7.67
HA2 AG2 C . -6.80 20.88 -6.38
HB1 AG2 C . -5.94 18.37 -7.32
HB2 AG2 C . -5.87 18.65 -5.76
HG1 AG2 C . -4.60 20.65 -6.23
HG2 AG2 C . -4.56 20.21 -7.76
HD1 AG2 C . -3.29 18.79 -5.58
HD2 AG2 C . -3.39 18.14 -7.04
HE1 AG2 C . -2.24 20.54 -7.33
HH11 AG2 C . -1.32 17.56 -5.88
HH21 AG2 C . 0.18 20.84 -7.56
HH22 AG2 C . 1.18 19.71 -7.02
N AG2 D . 6.14 -20.90 0.67
CA AG2 D . 4.93 -21.47 1.20
CB AG2 D . 4.09 -20.42 1.82
CG AG2 D . 2.89 -21.08 2.53
CD AG2 D . 2.16 -20.03 3.47
NE AG2 D . 1.15 -20.71 4.27
CZ AG2 D . 0.19 -19.96 5.04
NH1 AG2 D . 0.18 -18.67 5.08
NH2 AG2 D . -0.82 -20.70 5.81
HN1 AG2 D . 6.84 -21.23 1.11
HN2 AG2 D . 6.21 -21.10 -0.21
HA1 AG2 D . 4.42 -21.90 0.47
HA2 AG2 D . 5.16 -22.15 1.88
HB1 AG2 D . 3.76 -19.80 1.14
HB2 AG2 D . 4.61 -19.93 2.47
HG1 AG2 D . 3.20 -21.83 3.06
HG2 AG2 D . 2.25 -21.40 1.84
HD1 AG2 D . 2.83 -19.62 4.07
HD2 AG2 D . 1.74 -19.32 2.91
HE1 AG2 D . 1.12 -21.60 4.27
HH11 AG2 D . 0.80 -18.20 4.60
HH21 AG2 D . -0.82 -21.63 5.80
HH22 AG2 D . -1.44 -20.25 6.32
#